data_1YM4
#
_entry.id   1YM4
#
_cell.length_a   223.678
_cell.length_b   107.751
_cell.length_c   61.475
_cell.angle_alpha   90.00
_cell.angle_beta   100.32
_cell.angle_gamma   90.00
#
_symmetry.space_group_name_H-M   'C 1 2 1'
#
loop_
_entity.id
_entity.type
_entity.pdbx_description
1 polymer 'Beta-secretase 1'
2 polymer 'NVP-AMK640 INHIBITOR'
3 water water
#
loop_
_entity_poly.entity_id
_entity_poly.type
_entity_poly.pdbx_seq_one_letter_code
_entity_poly.pdbx_strand_id
1 'polypeptide(L)'
;GPDEEPEEPGRRGSFVEMVDNLRGKSGQGYYVEMTVGSPPQTLNILVDTGSSNFAVGAAPHPFLHRYYQRQLSSTYRDLR
KGVYVPYTQGKWEGELGTDLVSIPHGPNVTVRANIAAITESDKFFINGSNWEGILGLAYAEIARPDDSLEPFFDSLVKQT
HVPNLFSLQLCGAGFPLNQSEVLASVGGSMIIGGIDHSLYTGSLWYTPIRREWYYEVIIVRVEINGQDLKMDCKEYNYDK
SIVDSGTTNLRLPKKVFEAAVKSIKAASSTEKFPDGFWLGEQLVCWQAGTTPWNIFPVISLYLMGEVTNQSFRITILPQQ
YLRPVEDVATSQDDCYKFAISQSSTGTVMGAVIMEGFYVVFDRARKRIGFAVSACHVHDEFRTAAVEGPFVTLDMEDCGY
NIPQTDES
;
A,B,C
2 'polypeptide(L)' EVN(24M)A X,Y,Z
#
# COMPACT_ATOMS: atom_id res chain seq x y z
N GLY A 13 -6.08 15.89 -8.08
CA GLY A 13 -7.45 16.47 -7.85
C GLY A 13 -8.57 15.52 -7.40
N SER A 14 -9.28 14.92 -8.36
CA SER A 14 -10.40 13.99 -8.09
C SER A 14 -10.17 12.66 -8.85
N PHE A 15 -10.16 11.53 -8.13
CA PHE A 15 -9.93 10.19 -8.70
C PHE A 15 -11.16 9.32 -8.42
N VAL A 16 -12.30 9.70 -9.02
CA VAL A 16 -13.57 9.02 -8.81
C VAL A 16 -13.58 7.53 -9.06
N GLU A 17 -12.61 7.04 -9.82
CA GLU A 17 -12.55 5.62 -10.08
C GLU A 17 -11.87 4.84 -8.94
N MET A 18 -10.92 5.46 -8.24
CA MET A 18 -10.18 4.77 -7.15
C MET A 18 -10.78 4.96 -5.75
N VAL A 19 -11.57 5.99 -5.55
CA VAL A 19 -12.17 6.19 -4.25
C VAL A 19 -13.06 4.98 -3.93
N ASP A 20 -12.94 4.49 -2.70
CA ASP A 20 -13.73 3.36 -2.20
C ASP A 20 -13.34 1.98 -2.73
N ASN A 21 -12.13 1.88 -3.24
CA ASN A 21 -11.68 0.61 -3.75
C ASN A 21 -11.13 -0.35 -2.70
N LEU A 22 -11.16 0.02 -1.42
CA LEU A 22 -10.63 -0.91 -0.42
C LEU A 22 -11.72 -1.52 0.44
N ARG A 23 -11.42 -2.71 0.96
CA ARG A 23 -12.32 -3.42 1.86
C ARG A 23 -11.44 -4.19 2.85
N GLY A 24 -12.10 -4.86 3.80
CA GLY A 24 -11.36 -5.63 4.77
C GLY A 24 -12.20 -5.97 5.99
N LYS A 25 -11.69 -6.88 6.82
CA LYS A 25 -12.37 -7.26 8.05
C LYS A 25 -11.64 -6.54 9.17
N SER A 26 -12.28 -6.44 10.33
CA SER A 26 -11.66 -5.79 11.48
C SER A 26 -10.50 -6.67 11.99
N GLY A 27 -9.30 -6.11 12.07
CA GLY A 27 -8.17 -6.90 12.55
C GLY A 27 -7.62 -7.86 11.51
N GLN A 28 -8.08 -7.78 10.27
CA GLN A 28 -7.58 -8.66 9.22
C GLN A 28 -7.00 -7.96 8.00
N GLY A 29 -6.68 -6.68 8.12
CA GLY A 29 -6.09 -5.93 7.02
C GLY A 29 -7.04 -5.40 5.95
N TYR A 30 -6.50 -4.50 5.11
CA TYR A 30 -7.27 -3.92 4.01
C TYR A 30 -6.74 -4.43 2.68
N TYR A 31 -7.66 -4.72 1.78
CA TYR A 31 -7.27 -5.23 0.47
C TYR A 31 -7.96 -4.52 -0.67
N VAL A 32 -7.38 -4.72 -1.84
CA VAL A 32 -7.91 -4.13 -3.05
C VAL A 32 -8.00 -5.24 -4.07
N GLU A 33 -8.84 -5.01 -5.07
CA GLU A 33 -9.00 -6.00 -6.11
C GLU A 33 -7.94 -5.81 -7.19
N MET A 34 -7.37 -6.92 -7.65
CA MET A 34 -6.35 -6.88 -8.71
C MET A 34 -6.56 -8.07 -9.67
N THR A 35 -5.94 -8.00 -10.84
CA THR A 35 -6.00 -9.10 -11.79
C THR A 35 -4.59 -9.52 -12.11
N VAL A 36 -4.44 -10.79 -12.46
CA VAL A 36 -3.15 -11.31 -12.86
C VAL A 36 -3.29 -12.37 -13.93
N GLY A 37 -2.42 -12.32 -14.94
CA GLY A 37 -2.44 -13.31 -15.99
C GLY A 37 -3.26 -12.97 -17.22
N SER A 38 -3.12 -13.78 -18.27
CA SER A 38 -3.87 -13.57 -19.50
C SER A 38 -4.51 -14.90 -19.82
N PRO A 39 -5.84 -14.98 -19.77
CA PRO A 39 -6.76 -13.90 -19.40
C PRO A 39 -6.58 -13.56 -17.94
N PRO A 40 -7.16 -12.44 -17.52
CA PRO A 40 -7.12 -11.90 -16.15
C PRO A 40 -7.72 -12.82 -15.11
N GLN A 41 -6.99 -13.01 -14.02
CA GLN A 41 -7.47 -13.81 -12.92
C GLN A 41 -7.67 -12.83 -11.77
N THR A 42 -8.90 -12.75 -11.27
CA THR A 42 -9.21 -11.84 -10.17
C THR A 42 -8.85 -12.39 -8.81
N LEU A 43 -8.19 -11.54 -8.02
CA LEU A 43 -7.72 -11.85 -6.68
C LEU A 43 -7.69 -10.61 -5.79
N ASN A 44 -8.05 -10.78 -4.52
CA ASN A 44 -8.01 -9.68 -3.55
C ASN A 44 -6.60 -9.64 -2.90
N ILE A 45 -5.98 -8.46 -2.90
CA ILE A 45 -4.61 -8.29 -2.41
C ILE A 45 -4.54 -7.29 -1.26
N LEU A 46 -4.03 -7.74 -0.13
CA LEU A 46 -3.94 -6.88 1.01
C LEU A 46 -2.88 -5.80 0.76
N VAL A 47 -3.13 -4.59 1.27
CA VAL A 47 -2.20 -3.47 1.10
C VAL A 47 -1.25 -3.39 2.31
N ASP A 48 0.02 -3.68 2.07
CA ASP A 48 1.01 -3.68 3.16
C ASP A 48 2.17 -2.72 2.91
N THR A 49 2.14 -1.54 3.52
CA THR A 49 3.24 -0.58 3.36
C THR A 49 4.44 -1.02 4.23
N GLY A 50 4.28 -2.16 4.91
CA GLY A 50 5.32 -2.71 5.77
C GLY A 50 6.27 -3.69 5.11
N SER A 51 6.01 -4.01 3.84
CA SER A 51 6.86 -4.94 3.08
C SER A 51 7.03 -4.49 1.61
N SER A 52 7.78 -5.25 0.85
CA SER A 52 8.07 -4.87 -0.54
C SER A 52 7.98 -6.00 -1.55
N ASN A 53 7.35 -7.09 -1.15
CA ASN A 53 7.15 -8.21 -2.07
C ASN A 53 5.70 -8.32 -2.52
N PHE A 54 5.49 -8.68 -3.78
CA PHE A 54 4.14 -8.87 -4.31
C PHE A 54 4.04 -10.39 -4.37
N ALA A 55 3.09 -10.94 -3.61
CA ALA A 55 2.92 -12.38 -3.51
C ALA A 55 1.45 -12.74 -3.52
N VAL A 56 1.09 -13.84 -4.16
CA VAL A 56 -0.31 -14.27 -4.21
C VAL A 56 -0.40 -15.79 -4.05
N GLY A 57 -1.45 -16.29 -3.39
CA GLY A 57 -1.60 -17.73 -3.27
C GLY A 57 -1.60 -18.31 -4.68
N ALA A 58 -0.91 -19.45 -4.87
CA ALA A 58 -0.78 -20.14 -6.16
C ALA A 58 -0.85 -21.68 -6.01
N ALA A 59 -1.58 -22.12 -4.99
CA ALA A 59 -1.77 -23.53 -4.70
C ALA A 59 -2.87 -23.61 -3.67
N PRO A 60 -3.65 -24.71 -3.68
CA PRO A 60 -4.78 -24.97 -2.76
C PRO A 60 -4.45 -24.70 -1.30
N HIS A 61 -5.42 -24.17 -0.57
CA HIS A 61 -5.20 -23.92 0.85
C HIS A 61 -6.56 -23.72 1.47
N PRO A 62 -6.77 -24.31 2.65
CA PRO A 62 -8.00 -24.26 3.44
C PRO A 62 -8.62 -22.89 3.54
N PHE A 63 -7.79 -21.86 3.73
CA PHE A 63 -8.35 -20.53 3.86
C PHE A 63 -8.48 -19.77 2.53
N LEU A 64 -8.15 -20.43 1.43
CA LEU A 64 -8.24 -19.80 0.12
C LEU A 64 -9.45 -20.28 -0.66
N HIS A 65 -10.14 -19.35 -1.30
CA HIS A 65 -11.32 -19.66 -2.09
C HIS A 65 -10.97 -19.70 -3.57
N ARG A 66 -9.79 -19.17 -3.88
CA ARG A 66 -9.29 -19.12 -5.24
C ARG A 66 -7.79 -18.78 -5.17
N TYR A 67 -7.08 -19.02 -6.26
CA TYR A 67 -5.67 -18.71 -6.26
C TYR A 67 -5.15 -18.55 -7.66
N TYR A 68 -3.91 -18.06 -7.73
CA TYR A 68 -3.23 -17.81 -9.00
C TYR A 68 -2.86 -19.10 -9.71
N GLN A 69 -3.45 -19.36 -10.88
CA GLN A 69 -3.13 -20.56 -11.66
C GLN A 69 -2.16 -20.25 -12.80
N ARG A 70 -0.86 -20.41 -12.54
CA ARG A 70 0.13 -20.08 -13.54
C ARG A 70 -0.04 -20.80 -14.89
N GLN A 71 -0.37 -22.08 -14.87
CA GLN A 71 -0.50 -22.82 -16.13
C GLN A 71 -1.63 -22.28 -17.00
N LEU A 72 -2.53 -21.50 -16.40
CA LEU A 72 -3.63 -20.92 -17.14
C LEU A 72 -3.24 -19.56 -17.73
N SER A 73 -2.06 -19.03 -17.39
CA SER A 73 -1.68 -17.72 -17.92
C SER A 73 -0.71 -17.82 -19.08
N SER A 74 -1.09 -17.28 -20.23
CA SER A 74 -0.23 -17.31 -21.39
C SER A 74 0.87 -16.24 -21.31
N THR A 75 0.76 -15.35 -20.35
CA THR A 75 1.75 -14.30 -20.20
C THR A 75 2.64 -14.54 -18.99
N TYR A 76 2.57 -15.74 -18.44
CA TYR A 76 3.37 -16.08 -17.27
C TYR A 76 4.81 -16.46 -17.61
N ARG A 77 5.77 -16.04 -16.79
CA ARG A 77 7.14 -16.43 -17.08
C ARG A 77 7.76 -16.83 -15.76
N ASP A 78 8.44 -17.95 -15.76
CA ASP A 78 9.04 -18.47 -14.55
C ASP A 78 10.46 -17.93 -14.38
N LEU A 79 10.76 -17.37 -13.22
CA LEU A 79 12.10 -16.85 -12.95
C LEU A 79 13.03 -17.92 -12.41
N ARG A 80 12.50 -19.12 -12.24
CA ARG A 80 13.26 -20.26 -11.76
C ARG A 80 14.10 -19.96 -10.53
N LYS A 81 13.42 -19.49 -9.48
CA LYS A 81 14.06 -19.16 -8.22
C LYS A 81 13.03 -19.05 -7.11
N GLY A 82 13.34 -19.64 -5.97
CA GLY A 82 12.45 -19.62 -4.82
C GLY A 82 12.66 -18.39 -3.97
N VAL A 83 11.74 -18.19 -3.03
CA VAL A 83 11.80 -17.06 -2.13
C VAL A 83 11.05 -17.35 -0.83
N TYR A 84 11.60 -16.81 0.25
CA TYR A 84 11.03 -16.97 1.56
C TYR A 84 10.89 -15.59 2.18
N VAL A 85 9.70 -15.29 2.70
CA VAL A 85 9.42 -14.01 3.33
C VAL A 85 8.73 -14.18 4.69
N PRO A 86 9.47 -13.92 5.78
CA PRO A 86 8.91 -14.05 7.13
C PRO A 86 8.41 -12.67 7.58
N TYR A 87 7.24 -12.59 8.20
CA TYR A 87 6.75 -11.29 8.67
C TYR A 87 6.78 -11.29 10.19
N THR A 88 6.58 -10.13 10.81
CA THR A 88 6.55 -10.08 12.26
C THR A 88 5.60 -11.21 12.71
N GLN A 89 4.51 -11.37 11.98
CA GLN A 89 3.54 -12.41 12.30
C GLN A 89 3.14 -13.06 10.98
N GLY A 90 3.49 -14.33 10.81
CA GLY A 90 3.16 -15.07 9.60
C GLY A 90 4.31 -15.16 8.61
N LYS A 91 4.26 -16.14 7.72
CA LYS A 91 5.30 -16.29 6.73
C LYS A 91 4.86 -17.23 5.63
N TRP A 92 5.46 -17.09 4.46
CA TRP A 92 5.16 -17.95 3.32
C TRP A 92 6.39 -18.19 2.48
N GLU A 93 6.28 -19.17 1.59
CA GLU A 93 7.37 -19.46 0.70
C GLU A 93 6.73 -19.77 -0.65
N GLY A 94 7.50 -19.54 -1.71
CA GLY A 94 6.98 -19.77 -3.04
C GLY A 94 8.02 -19.64 -4.13
N GLU A 95 7.55 -19.58 -5.37
CA GLU A 95 8.38 -19.49 -6.56
C GLU A 95 8.25 -18.13 -7.21
N LEU A 96 9.37 -17.59 -7.67
CA LEU A 96 9.36 -16.27 -8.30
C LEU A 96 9.02 -16.29 -9.79
N GLY A 97 8.43 -15.21 -10.27
CA GLY A 97 8.10 -15.17 -11.68
C GLY A 97 7.55 -13.81 -11.97
N THR A 98 7.04 -13.62 -13.19
CA THR A 98 6.48 -12.35 -13.56
C THR A 98 5.24 -12.62 -14.36
N ASP A 99 4.40 -11.60 -14.50
CA ASP A 99 3.18 -11.75 -15.28
C ASP A 99 2.54 -10.37 -15.38
N LEU A 100 1.52 -10.25 -16.22
CA LEU A 100 0.80 -9.00 -16.40
C LEU A 100 -0.12 -8.77 -15.21
N VAL A 101 -0.13 -7.54 -14.68
CA VAL A 101 -0.94 -7.25 -13.51
C VAL A 101 -1.81 -6.03 -13.72
N SER A 102 -2.99 -6.03 -13.13
CA SER A 102 -3.80 -4.86 -13.31
C SER A 102 -4.63 -4.55 -12.06
N ILE A 103 -5.14 -3.33 -11.97
CA ILE A 103 -5.97 -2.93 -10.83
C ILE A 103 -7.28 -2.33 -11.36
N PRO A 104 -8.33 -3.16 -11.46
CA PRO A 104 -9.65 -2.77 -11.94
C PRO A 104 -10.14 -1.38 -11.47
N HIS A 105 -10.28 -1.19 -10.18
CA HIS A 105 -10.73 0.11 -9.66
C HIS A 105 -9.52 0.98 -9.33
N GLY A 106 -8.57 1.04 -10.26
CA GLY A 106 -7.37 1.84 -10.05
C GLY A 106 -6.96 2.47 -11.36
N PRO A 107 -5.67 2.79 -11.54
CA PRO A 107 -5.19 3.40 -12.78
C PRO A 107 -5.43 2.46 -13.98
N ASN A 108 -6.11 2.97 -14.97
CA ASN A 108 -6.44 2.18 -16.13
C ASN A 108 -5.20 1.87 -16.94
N VAL A 109 -4.39 0.92 -16.48
CA VAL A 109 -3.18 0.54 -17.17
C VAL A 109 -2.62 -0.79 -16.66
N THR A 110 -2.21 -1.66 -17.57
CA THR A 110 -1.69 -2.96 -17.19
C THR A 110 -0.17 -2.93 -17.20
N VAL A 111 0.45 -3.56 -16.20
CA VAL A 111 1.90 -3.57 -16.13
C VAL A 111 2.47 -4.95 -15.83
N ARG A 112 3.74 -5.14 -16.12
CA ARG A 112 4.37 -6.42 -15.86
C ARG A 112 5.19 -6.29 -14.60
N ALA A 113 5.00 -7.20 -13.65
CA ALA A 113 5.74 -7.14 -12.41
C ALA A 113 6.15 -8.49 -11.93
N ASN A 114 7.09 -8.51 -10.97
CA ASN A 114 7.55 -9.75 -10.36
C ASN A 114 6.44 -10.23 -9.43
N ILE A 115 6.27 -11.54 -9.39
CA ILE A 115 5.23 -12.13 -8.58
C ILE A 115 5.75 -13.36 -7.90
N ALA A 116 5.51 -13.42 -6.60
CA ALA A 116 5.93 -14.59 -5.86
C ALA A 116 4.64 -15.42 -5.77
N ALA A 117 4.75 -16.66 -6.24
CA ALA A 117 3.67 -17.64 -6.25
C ALA A 117 3.79 -18.44 -4.98
N ILE A 118 2.95 -18.11 -4.00
CA ILE A 118 3.00 -18.80 -2.71
C ILE A 118 2.49 -20.22 -2.79
N THR A 119 3.35 -21.18 -2.45
CA THR A 119 3.00 -22.60 -2.49
C THR A 119 2.93 -23.21 -1.09
N GLU A 120 3.54 -22.53 -0.12
CA GLU A 120 3.53 -22.99 1.27
C GLU A 120 3.41 -21.78 2.18
N SER A 121 2.61 -21.89 3.22
CA SER A 121 2.46 -20.76 4.15
C SER A 121 2.19 -21.22 5.58
N ASP A 122 2.40 -20.33 6.55
CA ASP A 122 2.17 -20.68 7.95
C ASP A 122 1.62 -19.48 8.72
N LYS A 123 0.38 -19.61 9.19
CA LYS A 123 -0.28 -18.55 9.92
C LYS A 123 -0.21 -17.21 9.17
N PHE A 124 -0.30 -17.30 7.84
CA PHE A 124 -0.28 -16.13 6.96
C PHE A 124 -1.72 -15.84 6.47
N PHE A 125 -2.34 -16.80 5.80
CA PHE A 125 -3.70 -16.57 5.32
C PHE A 125 -4.65 -16.68 6.51
N ILE A 126 -5.58 -15.75 6.58
CA ILE A 126 -6.55 -15.74 7.66
C ILE A 126 -7.87 -16.33 7.19
N ASN A 127 -8.45 -17.20 8.00
CA ASN A 127 -9.71 -17.82 7.64
C ASN A 127 -10.85 -16.80 7.54
N GLY A 128 -11.34 -16.59 6.30
CA GLY A 128 -12.42 -15.64 6.06
C GLY A 128 -11.98 -14.20 5.85
N SER A 129 -10.68 -13.96 5.70
CA SER A 129 -10.20 -12.60 5.51
C SER A 129 -10.75 -12.01 4.21
N ASN A 130 -10.83 -12.86 3.21
CA ASN A 130 -11.31 -12.50 1.87
C ASN A 130 -10.17 -12.05 0.94
N TRP A 131 -8.91 -12.11 1.39
CA TRP A 131 -7.81 -11.76 0.48
C TRP A 131 -6.96 -13.00 0.21
N GLU A 132 -6.32 -13.03 -0.94
CA GLU A 132 -5.51 -14.19 -1.31
C GLU A 132 -4.04 -13.86 -1.60
N GLY A 133 -3.65 -12.61 -1.41
CA GLY A 133 -2.27 -12.20 -1.68
C GLY A 133 -1.89 -10.90 -1.00
N ILE A 134 -0.63 -10.48 -1.14
CA ILE A 134 -0.16 -9.27 -0.48
C ILE A 134 0.62 -8.38 -1.45
N LEU A 135 0.45 -7.07 -1.32
CA LEU A 135 1.10 -6.05 -2.15
C LEU A 135 2.05 -5.18 -1.29
N GLY A 136 3.33 -5.51 -1.33
CA GLY A 136 4.29 -4.75 -0.55
C GLY A 136 4.59 -3.44 -1.23
N LEU A 137 4.15 -2.36 -0.60
CA LEU A 137 4.36 -1.03 -1.13
C LEU A 137 5.65 -0.34 -0.62
N ALA A 138 6.43 -1.01 0.23
CA ALA A 138 7.68 -0.40 0.72
C ALA A 138 8.79 -0.38 -0.34
N TYR A 139 10.03 -0.13 0.10
CA TYR A 139 11.13 -0.04 -0.85
C TYR A 139 11.92 -1.32 -1.00
N ALA A 140 12.55 -1.45 -2.16
CA ALA A 140 13.31 -2.66 -2.50
C ALA A 140 14.36 -3.08 -1.50
N GLU A 141 14.83 -2.13 -0.70
CA GLU A 141 15.84 -2.43 0.29
C GLU A 141 15.38 -3.52 1.23
N ILE A 142 14.07 -3.69 1.41
CA ILE A 142 13.60 -4.77 2.28
C ILE A 142 12.91 -5.87 1.48
N ALA A 143 13.13 -5.91 0.17
CA ALA A 143 12.52 -6.96 -0.65
C ALA A 143 13.32 -8.26 -0.59
N ARG A 144 12.62 -9.40 -0.49
CA ARG A 144 13.27 -10.71 -0.45
C ARG A 144 13.23 -11.34 -1.85
N PRO A 145 14.24 -12.15 -2.19
CA PRO A 145 15.39 -12.51 -1.37
C PRO A 145 16.42 -11.38 -1.18
N ASP A 146 16.41 -10.40 -2.08
CA ASP A 146 17.34 -9.28 -1.97
C ASP A 146 16.81 -8.05 -2.68
N ASP A 147 17.51 -6.93 -2.54
CA ASP A 147 17.06 -5.68 -3.13
C ASP A 147 17.07 -5.63 -4.64
N SER A 148 17.36 -6.75 -5.29
CA SER A 148 17.34 -6.71 -6.74
C SER A 148 15.90 -6.96 -7.24
N LEU A 149 15.08 -7.67 -6.48
CA LEU A 149 13.71 -7.91 -6.90
C LEU A 149 12.86 -6.62 -6.92
N GLU A 150 12.78 -5.96 -8.05
CA GLU A 150 11.99 -4.72 -8.13
C GLU A 150 10.54 -4.85 -7.61
N PRO A 151 10.13 -3.99 -6.65
CA PRO A 151 8.78 -3.99 -6.07
C PRO A 151 7.70 -3.59 -7.07
N PHE A 152 6.47 -3.96 -6.80
CA PHE A 152 5.37 -3.64 -7.72
C PHE A 152 5.21 -2.19 -8.13
N PHE A 153 5.10 -1.30 -7.14
CA PHE A 153 4.90 0.12 -7.41
C PHE A 153 6.04 0.70 -8.26
N ASP A 154 7.26 0.27 -8.01
CA ASP A 154 8.40 0.75 -8.80
C ASP A 154 8.19 0.43 -10.28
N SER A 155 7.73 -0.79 -10.56
CA SER A 155 7.51 -1.24 -11.93
C SER A 155 6.39 -0.41 -12.55
N LEU A 156 5.35 -0.16 -11.76
CA LEU A 156 4.21 0.61 -12.22
C LEU A 156 4.65 2.01 -12.58
N VAL A 157 5.53 2.58 -11.79
CA VAL A 157 5.97 3.92 -12.10
C VAL A 157 6.83 3.99 -13.36
N LYS A 158 7.75 3.04 -13.53
CA LYS A 158 8.64 3.04 -14.69
C LYS A 158 7.94 2.67 -16.00
N GLN A 159 6.90 1.86 -15.89
CA GLN A 159 6.18 1.44 -17.10
C GLN A 159 5.02 2.32 -17.51
N THR A 160 4.62 3.25 -16.65
CA THR A 160 3.50 4.13 -16.95
C THR A 160 3.82 5.59 -16.57
N HIS A 161 2.88 6.49 -16.83
CA HIS A 161 3.11 7.89 -16.48
C HIS A 161 2.59 8.21 -15.08
N VAL A 162 2.13 7.19 -14.37
CA VAL A 162 1.62 7.40 -13.02
C VAL A 162 2.67 8.06 -12.12
N PRO A 163 2.31 9.18 -11.47
CA PRO A 163 3.24 9.89 -10.59
C PRO A 163 3.76 8.97 -9.46
N ASN A 164 5.01 9.15 -9.08
CA ASN A 164 5.62 8.32 -8.03
C ASN A 164 5.05 8.66 -6.64
N LEU A 165 3.82 8.22 -6.40
CA LEU A 165 3.15 8.52 -5.15
C LEU A 165 1.77 7.88 -5.07
N PHE A 166 1.36 7.52 -3.85
CA PHE A 166 0.05 6.95 -3.62
C PHE A 166 -0.41 7.37 -2.21
N SER A 167 -1.72 7.42 -2.02
CA SER A 167 -2.27 7.82 -0.74
C SER A 167 -3.26 6.77 -0.22
N LEU A 168 -3.48 6.78 1.08
CA LEU A 168 -4.35 5.77 1.63
C LEU A 168 -5.35 6.35 2.60
N GLN A 169 -6.57 5.86 2.55
CA GLN A 169 -7.55 6.32 3.51
C GLN A 169 -8.24 5.05 4.01
N LEU A 170 -7.94 4.67 5.25
CA LEU A 170 -8.52 3.49 5.87
C LEU A 170 -9.63 3.95 6.81
N CYS A 171 -10.81 3.38 6.67
CA CYS A 171 -11.93 3.78 7.50
C CYS A 171 -12.35 2.62 8.38
N GLY A 172 -12.52 2.86 9.67
CA GLY A 172 -12.95 1.80 10.57
C GLY A 172 -14.34 1.27 10.26
N ALA A 173 -15.37 1.98 10.71
CA ALA A 173 -16.75 1.57 10.44
C ALA A 173 -17.76 2.68 10.72
N ALA A 184 -18.71 -7.58 10.19
CA ALA A 184 -17.70 -6.61 10.62
C ALA A 184 -16.84 -6.11 9.47
N SER A 185 -17.47 -5.63 8.38
CA SER A 185 -16.77 -5.12 7.21
C SER A 185 -16.16 -3.74 7.43
N VAL A 186 -15.05 -3.49 6.76
CA VAL A 186 -14.32 -2.24 6.86
C VAL A 186 -14.17 -1.75 5.42
N GLY A 187 -13.73 -0.51 5.24
CA GLY A 187 -13.55 0.01 3.88
C GLY A 187 -12.54 1.15 3.78
N GLY A 188 -12.36 1.70 2.58
CA GLY A 188 -11.43 2.80 2.40
C GLY A 188 -11.00 2.99 0.96
N SER A 189 -10.00 3.84 0.72
CA SER A 189 -9.56 4.01 -0.66
C SER A 189 -8.05 4.16 -0.87
N MET A 190 -7.53 3.56 -1.94
CA MET A 190 -6.11 3.67 -2.27
C MET A 190 -5.97 4.50 -3.56
N ILE A 191 -5.44 5.70 -3.43
CA ILE A 191 -5.27 6.56 -4.60
C ILE A 191 -3.89 6.38 -5.16
N ILE A 192 -3.81 5.78 -6.35
CA ILE A 192 -2.53 5.54 -6.96
C ILE A 192 -2.14 6.72 -7.87
N GLY A 193 -0.96 7.28 -7.62
CA GLY A 193 -0.48 8.38 -8.42
C GLY A 193 -1.06 9.75 -8.08
N GLY A 194 -1.71 9.90 -6.93
CA GLY A 194 -2.28 11.21 -6.65
C GLY A 194 -2.91 11.41 -5.30
N ILE A 195 -3.42 12.62 -5.08
CA ILE A 195 -4.04 13.00 -3.82
C ILE A 195 -5.47 13.45 -4.06
N ASP A 196 -6.44 12.76 -3.46
CA ASP A 196 -7.83 13.13 -3.65
C ASP A 196 -8.26 14.10 -2.56
N HIS A 197 -8.55 15.33 -2.96
CA HIS A 197 -8.93 16.39 -2.04
C HIS A 197 -10.26 16.21 -1.33
N SER A 198 -11.03 15.20 -1.71
CA SER A 198 -12.32 14.97 -1.06
C SER A 198 -12.24 13.94 0.04
N LEU A 199 -11.05 13.39 0.26
CA LEU A 199 -10.84 12.37 1.28
C LEU A 199 -10.36 12.95 2.61
N TYR A 200 -10.15 14.26 2.63
CA TYR A 200 -9.71 14.89 3.87
C TYR A 200 -10.15 16.34 4.01
N THR A 201 -9.99 16.84 5.22
CA THR A 201 -10.36 18.21 5.55
C THR A 201 -9.11 18.83 6.16
N GLY A 202 -9.08 20.15 6.23
CA GLY A 202 -7.93 20.84 6.79
C GLY A 202 -6.71 20.77 5.88
N SER A 203 -5.53 20.98 6.44
CA SER A 203 -4.33 20.95 5.63
C SER A 203 -3.52 19.69 5.81
N LEU A 204 -2.66 19.42 4.85
CA LEU A 204 -1.79 18.26 4.89
C LEU A 204 -0.42 18.66 5.47
N TRP A 205 0.06 17.89 6.43
CA TRP A 205 1.35 18.15 7.05
C TRP A 205 2.28 17.00 6.72
N TYR A 206 3.46 17.29 6.20
CA TYR A 206 4.38 16.23 5.83
C TYR A 206 5.51 16.02 6.80
N THR A 207 5.94 14.79 6.91
CA THR A 207 7.03 14.46 7.79
C THR A 207 7.99 13.81 6.83
N PRO A 208 9.27 14.11 6.97
CA PRO A 208 10.29 13.52 6.08
C PRO A 208 10.44 12.01 6.29
N ILE A 209 10.69 11.27 5.21
CA ILE A 209 10.93 9.82 5.28
C ILE A 209 12.40 9.70 5.66
N ARG A 210 12.71 9.18 6.85
CA ARG A 210 14.11 9.12 7.28
C ARG A 210 15.04 8.36 6.35
N ARG A 211 14.70 7.09 6.12
CA ARG A 211 15.48 6.21 5.27
C ARG A 211 14.52 5.42 4.39
N GLU A 212 14.87 5.22 3.12
CA GLU A 212 14.00 4.48 2.21
C GLU A 212 14.19 2.97 2.19
N TRP A 213 13.51 2.30 3.09
CA TRP A 213 13.52 0.85 3.21
C TRP A 213 12.09 0.57 3.71
N TYR A 214 11.79 0.89 4.96
CA TYR A 214 10.43 0.78 5.47
C TYR A 214 10.03 2.24 5.33
N TYR A 215 8.79 2.59 5.59
CA TYR A 215 8.44 4.00 5.54
C TYR A 215 8.78 4.50 6.96
N GLU A 216 10.04 4.85 7.19
CA GLU A 216 10.45 5.30 8.53
C GLU A 216 10.31 6.79 8.77
N VAL A 217 9.82 7.15 9.95
CA VAL A 217 9.62 8.56 10.33
C VAL A 217 10.23 8.77 11.71
N ILE A 218 10.13 9.99 12.24
CA ILE A 218 10.67 10.29 13.57
C ILE A 218 9.68 10.99 14.47
N ILE A 219 9.31 10.33 15.56
CA ILE A 219 8.39 10.87 16.55
C ILE A 219 9.22 11.64 17.56
N VAL A 220 8.94 12.93 17.75
CA VAL A 220 9.71 13.74 18.68
C VAL A 220 9.03 14.07 20.01
N ARG A 221 7.77 13.69 20.18
CA ARG A 221 7.06 14.00 21.41
C ARG A 221 5.74 13.24 21.45
N VAL A 222 5.37 12.74 22.63
CA VAL A 222 4.13 12.00 22.79
C VAL A 222 3.29 12.60 23.91
N GLU A 223 1.99 12.75 23.65
CA GLU A 223 1.08 13.31 24.64
C GLU A 223 -0.11 12.40 24.89
N ILE A 224 -0.65 12.49 26.09
CA ILE A 224 -1.82 11.72 26.52
C ILE A 224 -2.74 12.79 27.11
N ASN A 225 -3.85 13.08 26.44
CA ASN A 225 -4.74 14.15 26.88
C ASN A 225 -3.96 15.41 27.18
N GLY A 226 -3.05 15.80 26.29
CA GLY A 226 -2.28 17.01 26.52
C GLY A 226 -1.07 16.86 27.41
N GLN A 227 -1.01 15.79 28.19
CA GLN A 227 0.11 15.57 29.11
C GLN A 227 1.29 14.83 28.50
N ASP A 228 2.40 15.56 28.35
CA ASP A 228 3.60 15.01 27.78
C ASP A 228 4.06 13.77 28.53
N LEU A 229 4.48 12.76 27.77
CA LEU A 229 4.94 11.51 28.37
C LEU A 229 6.30 11.77 29.01
N LYS A 230 6.99 12.81 28.56
CA LYS A 230 8.28 13.16 29.15
C LYS A 230 9.34 12.06 29.09
N MET A 231 9.68 11.63 27.89
CA MET A 231 10.72 10.61 27.73
C MET A 231 11.73 11.15 26.74
N ASP A 232 12.91 10.56 26.72
CA ASP A 232 13.92 10.97 25.74
C ASP A 232 13.27 10.65 24.38
N CYS A 233 13.20 11.64 23.49
CA CYS A 233 12.55 11.41 22.19
C CYS A 233 13.24 10.32 21.35
N LYS A 234 14.14 9.55 21.98
CA LYS A 234 14.84 8.46 21.30
C LYS A 234 14.12 7.14 21.58
N GLU A 235 13.50 7.06 22.75
CA GLU A 235 12.77 5.86 23.14
C GLU A 235 11.56 5.66 22.24
N TYR A 236 11.07 6.76 21.68
CA TYR A 236 9.90 6.74 20.80
C TYR A 236 10.25 6.09 19.47
N ASN A 237 11.53 6.14 19.08
CA ASN A 237 11.97 5.58 17.81
C ASN A 237 13.00 4.43 17.96
N TYR A 238 12.86 3.65 19.03
CA TYR A 238 13.78 2.55 19.27
C TYR A 238 13.15 1.19 18.97
N ASP A 239 13.69 0.48 17.99
CA ASP A 239 14.86 0.91 17.20
C ASP A 239 14.52 1.64 15.90
N LYS A 240 13.21 1.95 15.74
CA LYS A 240 12.69 2.66 14.59
C LYS A 240 11.18 2.89 14.70
N SER A 241 10.69 3.77 13.84
CA SER A 241 9.27 4.07 13.76
C SER A 241 8.87 4.00 12.31
N ILE A 242 7.90 3.13 12.01
CA ILE A 242 7.42 2.95 10.64
C ILE A 242 5.88 2.98 10.51
N VAL A 243 5.37 3.29 9.33
CA VAL A 243 3.93 3.33 9.08
C VAL A 243 3.52 2.02 8.39
N ASP A 244 2.65 1.23 9.00
CA ASP A 244 2.30 -0.03 8.38
C ASP A 244 0.82 -0.28 8.26
N SER A 245 0.29 -0.13 7.05
CA SER A 245 -1.12 -0.38 6.82
C SER A 245 -1.37 -1.87 7.08
N GLY A 246 -0.29 -2.64 7.01
CA GLY A 246 -0.36 -4.07 7.25
C GLY A 246 -0.32 -4.44 8.73
N THR A 247 -0.50 -3.48 9.62
CA THR A 247 -0.50 -3.79 11.05
C THR A 247 -1.77 -3.25 11.66
N THR A 248 -2.42 -4.05 12.50
CA THR A 248 -3.65 -3.65 13.17
C THR A 248 -3.46 -2.60 14.26
N ASN A 249 -2.64 -2.91 15.26
CA ASN A 249 -2.45 -2.03 16.41
C ASN A 249 -1.50 -0.85 16.29
N LEU A 250 -1.36 -0.12 17.39
CA LEU A 250 -0.36 0.95 17.44
C LEU A 250 0.79 0.28 18.23
N ARG A 251 1.77 -0.31 17.57
CA ARG A 251 2.87 -0.96 18.31
C ARG A 251 3.84 0.03 18.95
N LEU A 252 4.14 -0.16 20.23
CA LEU A 252 5.07 0.76 20.92
C LEU A 252 6.23 0.04 21.64
N PRO A 253 7.48 0.53 21.48
CA PRO A 253 8.59 -0.15 22.18
C PRO A 253 8.24 -0.35 23.64
N LYS A 254 8.82 -1.39 24.24
CA LYS A 254 8.55 -1.74 25.63
C LYS A 254 8.46 -0.58 26.62
N LYS A 255 9.51 0.25 26.68
CA LYS A 255 9.56 1.36 27.63
C LYS A 255 8.46 2.39 27.43
N VAL A 256 8.23 2.76 26.18
CA VAL A 256 7.19 3.72 25.84
C VAL A 256 5.81 3.11 26.12
N PHE A 257 5.66 1.83 25.80
CA PHE A 257 4.38 1.15 26.02
C PHE A 257 3.98 1.26 27.49
N GLU A 258 4.91 0.91 28.38
CA GLU A 258 4.66 0.96 29.82
C GLU A 258 4.22 2.34 30.27
N ALA A 259 4.95 3.36 29.84
CA ALA A 259 4.63 4.72 30.21
C ALA A 259 3.25 5.16 29.64
N ALA A 260 2.94 4.81 28.40
CA ALA A 260 1.64 5.23 27.84
C ALA A 260 0.45 4.57 28.56
N VAL A 261 0.54 3.26 28.77
CA VAL A 261 -0.50 2.47 29.44
C VAL A 261 -0.76 3.06 30.83
N LYS A 262 0.32 3.39 31.54
CA LYS A 262 0.20 3.94 32.88
C LYS A 262 -0.61 5.23 32.86
N SER A 263 -0.19 6.17 32.01
CA SER A 263 -0.88 7.44 31.87
C SER A 263 -2.31 7.25 31.34
N ILE A 264 -2.51 6.32 30.41
CA ILE A 264 -3.86 6.09 29.89
C ILE A 264 -4.77 5.48 30.96
N LYS A 265 -4.16 4.71 31.87
CA LYS A 265 -4.93 4.10 32.96
C LYS A 265 -5.39 5.21 33.90
N ALA A 266 -4.48 6.12 34.21
CA ALA A 266 -4.81 7.24 35.09
C ALA A 266 -5.94 8.06 34.52
N ALA A 267 -5.80 8.46 33.26
CA ALA A 267 -6.80 9.28 32.59
C ALA A 267 -8.19 8.67 32.63
N SER A 268 -8.27 7.35 32.55
CA SER A 268 -9.57 6.71 32.60
C SER A 268 -9.89 6.06 33.94
N SER A 269 -9.16 6.45 34.99
CA SER A 269 -9.34 5.89 36.35
C SER A 269 -10.76 5.90 36.90
N THR A 270 -11.62 6.74 36.35
CA THR A 270 -13.00 6.80 36.82
C THR A 270 -13.72 5.47 36.60
N GLU A 271 -12.98 4.52 36.00
CA GLU A 271 -13.51 3.20 35.71
C GLU A 271 -12.34 2.23 35.61
N LYS A 272 -12.44 1.10 36.30
CA LYS A 272 -11.34 0.13 36.29
C LYS A 272 -11.56 -1.08 35.40
N PHE A 273 -10.47 -1.54 34.81
CA PHE A 273 -10.53 -2.69 33.93
C PHE A 273 -9.44 -3.66 34.35
N PRO A 274 -9.66 -4.96 34.09
CA PRO A 274 -8.68 -6.00 34.45
C PRO A 274 -7.38 -5.90 33.67
N ASP A 275 -6.30 -6.32 34.29
CA ASP A 275 -4.99 -6.30 33.65
C ASP A 275 -5.01 -6.97 32.28
N GLY A 276 -5.93 -7.92 32.10
CA GLY A 276 -6.03 -8.62 30.83
C GLY A 276 -6.40 -7.69 29.70
N PHE A 277 -7.27 -6.73 30.00
CA PHE A 277 -7.70 -5.76 29.01
C PHE A 277 -6.50 -5.00 28.45
N TRP A 278 -5.74 -4.36 29.33
CA TRP A 278 -4.60 -3.57 28.87
C TRP A 278 -3.55 -4.41 28.20
N LEU A 279 -3.59 -5.72 28.43
CA LEU A 279 -2.61 -6.60 27.84
C LEU A 279 -3.04 -7.02 26.45
N GLY A 280 -4.30 -6.77 26.13
CA GLY A 280 -4.82 -7.13 24.82
C GLY A 280 -5.42 -8.52 24.82
N GLU A 281 -5.48 -9.15 25.99
CA GLU A 281 -6.04 -10.48 26.12
C GLU A 281 -7.56 -10.43 26.16
N GLN A 282 -8.11 -9.98 27.28
CA GLN A 282 -9.56 -9.89 27.42
C GLN A 282 -10.13 -8.69 26.66
N LEU A 283 -11.45 -8.57 26.64
CA LEU A 283 -12.08 -7.46 25.95
C LEU A 283 -13.21 -6.88 26.80
N VAL A 284 -13.27 -5.56 26.87
CA VAL A 284 -14.31 -4.89 27.65
C VAL A 284 -15.59 -4.73 26.86
N CYS A 285 -16.70 -4.62 27.58
CA CYS A 285 -18.01 -4.47 26.96
C CYS A 285 -18.85 -3.46 27.71
N TRP A 286 -19.90 -2.99 27.05
CA TRP A 286 -20.81 -2.00 27.64
C TRP A 286 -22.15 -2.17 26.96
N GLN A 287 -23.23 -1.82 27.66
CA GLN A 287 -24.56 -1.91 27.06
C GLN A 287 -24.61 -1.12 25.76
N ALA A 288 -25.22 -1.71 24.74
CA ALA A 288 -25.35 -1.08 23.43
C ALA A 288 -25.44 0.45 23.47
N GLY A 289 -24.44 1.10 22.86
CA GLY A 289 -24.42 2.55 22.79
C GLY A 289 -24.13 3.34 24.06
N THR A 290 -23.53 2.70 25.06
CA THR A 290 -23.21 3.36 26.33
C THR A 290 -21.70 3.47 26.53
N THR A 291 -20.95 3.15 25.49
CA THR A 291 -19.51 3.24 25.58
C THR A 291 -19.11 4.63 26.07
N PRO A 292 -18.39 4.69 27.19
CA PRO A 292 -17.94 5.94 27.79
C PRO A 292 -16.66 6.46 27.11
N TRP A 293 -16.79 6.94 25.87
CA TRP A 293 -15.64 7.45 25.15
C TRP A 293 -14.97 8.60 25.88
N ASN A 294 -15.78 9.49 26.43
CA ASN A 294 -15.27 10.69 27.12
C ASN A 294 -14.32 10.47 28.26
N ILE A 295 -14.36 9.29 28.87
CA ILE A 295 -13.49 9.02 30.00
C ILE A 295 -12.12 8.60 29.53
N PHE A 296 -12.03 8.19 28.27
CA PHE A 296 -10.77 7.75 27.68
C PHE A 296 -10.05 8.94 27.04
N PRO A 297 -8.75 9.03 27.28
CA PRO A 297 -7.90 10.11 26.78
C PRO A 297 -7.58 10.06 25.31
N VAL A 298 -7.27 11.24 24.80
CA VAL A 298 -6.89 11.38 23.42
C VAL A 298 -5.37 11.18 23.38
N ILE A 299 -4.84 10.62 22.30
CA ILE A 299 -3.40 10.38 22.19
C ILE A 299 -2.84 11.17 21.01
N SER A 300 -1.73 11.87 21.25
CA SER A 300 -1.10 12.70 20.22
C SER A 300 0.34 12.35 19.99
N LEU A 301 0.72 12.30 18.73
CA LEU A 301 2.09 12.00 18.36
C LEU A 301 2.61 13.16 17.55
N TYR A 302 3.74 13.72 18.00
CA TYR A 302 4.38 14.83 17.32
C TYR A 302 5.41 14.23 16.40
N LEU A 303 5.38 14.62 15.13
CA LEU A 303 6.31 14.10 14.15
C LEU A 303 7.21 15.19 13.59
N MET A 304 8.46 14.86 13.29
CA MET A 304 9.40 15.85 12.75
C MET A 304 8.79 16.54 11.52
N GLY A 305 8.93 17.86 11.42
CA GLY A 305 8.38 18.57 10.27
C GLY A 305 9.38 18.70 9.13
N GLU A 306 8.99 19.36 8.05
CA GLU A 306 9.91 19.52 6.93
C GLU A 306 10.84 20.71 7.12
N VAL A 307 10.43 21.64 7.97
CA VAL A 307 11.22 22.82 8.25
C VAL A 307 12.02 22.57 9.53
N THR A 308 13.27 23.03 9.55
CA THR A 308 14.14 22.85 10.70
C THR A 308 13.51 23.38 11.98
N ASN A 309 13.61 22.59 13.06
CA ASN A 309 13.08 22.99 14.36
C ASN A 309 11.55 23.09 14.39
N GLN A 310 10.92 22.61 13.33
CA GLN A 310 9.47 22.66 13.23
C GLN A 310 8.84 21.26 13.23
N SER A 311 7.73 21.11 13.95
CA SER A 311 7.06 19.82 13.99
C SER A 311 5.56 20.02 13.91
N PHE A 312 4.82 18.92 13.83
CA PHE A 312 3.36 19.00 13.80
C PHE A 312 2.87 17.78 14.55
N ARG A 313 1.61 17.75 14.93
CA ARG A 313 1.10 16.60 15.66
C ARG A 313 -0.20 16.04 15.11
N ILE A 314 -0.40 14.74 15.35
CA ILE A 314 -1.60 14.05 14.91
C ILE A 314 -2.19 13.51 16.21
N THR A 315 -3.52 13.56 16.32
CA THR A 315 -4.23 13.11 17.52
C THR A 315 -5.35 12.14 17.17
N ILE A 316 -5.38 11.00 17.85
CA ILE A 316 -6.39 9.98 17.64
C ILE A 316 -7.27 9.84 18.87
N LEU A 317 -8.35 9.10 18.72
CA LEU A 317 -9.32 8.96 19.79
C LEU A 317 -9.50 7.55 20.31
N PRO A 318 -10.12 7.41 21.47
CA PRO A 318 -10.25 6.01 21.85
C PRO A 318 -11.00 5.22 20.74
N GLN A 319 -11.79 5.89 19.92
CA GLN A 319 -12.48 5.18 18.83
C GLN A 319 -11.47 4.56 17.86
N GLN A 320 -10.23 5.04 17.91
CA GLN A 320 -9.18 4.52 17.06
C GLN A 320 -8.40 3.37 17.76
N TYR A 321 -8.05 3.56 19.04
CA TYR A 321 -7.30 2.54 19.78
C TYR A 321 -8.09 1.49 20.57
N LEU A 322 -9.41 1.60 20.56
CA LEU A 322 -10.27 0.60 21.20
C LEU A 322 -11.00 -0.07 20.02
N ARG A 323 -10.39 -1.12 19.47
CA ARG A 323 -10.95 -1.84 18.33
C ARG A 323 -12.14 -2.68 18.73
N PRO A 324 -13.28 -2.48 18.06
CA PRO A 324 -14.50 -3.25 18.37
C PRO A 324 -14.41 -4.68 17.89
N VAL A 325 -14.90 -5.61 18.73
CA VAL A 325 -14.90 -7.04 18.40
C VAL A 325 -16.28 -7.64 18.64
N GLU A 326 -16.34 -8.97 18.71
CA GLU A 326 -17.61 -9.66 18.93
C GLU A 326 -18.19 -9.37 20.30
N ASP A 327 -18.22 -10.42 21.14
CA ASP A 327 -18.73 -10.30 22.50
C ASP A 327 -18.15 -11.39 23.42
N VAL A 328 -17.98 -11.06 24.69
CA VAL A 328 -17.43 -12.01 25.69
C VAL A 328 -18.17 -13.34 25.61
N ALA A 329 -19.49 -13.27 25.46
CA ALA A 329 -20.33 -14.45 25.37
C ALA A 329 -21.01 -14.48 24.00
N THR A 330 -20.37 -13.87 23.01
CA THR A 330 -20.89 -13.81 21.64
C THR A 330 -22.37 -13.40 21.64
N SER A 331 -22.72 -12.51 22.57
CA SER A 331 -24.09 -12.02 22.70
C SER A 331 -24.31 -10.69 21.98
N GLN A 332 -25.13 -9.85 22.60
CA GLN A 332 -25.45 -8.54 22.04
C GLN A 332 -25.03 -7.43 22.99
N ASP A 333 -23.85 -6.88 22.75
CA ASP A 333 -23.31 -5.81 23.57
C ASP A 333 -22.05 -5.26 22.91
N ASP A 334 -21.80 -3.96 23.07
CA ASP A 334 -20.63 -3.35 22.47
C ASP A 334 -19.34 -3.69 23.21
N CYS A 335 -18.50 -4.51 22.57
CA CYS A 335 -17.25 -4.91 23.19
C CYS A 335 -16.07 -4.45 22.35
N TYR A 336 -14.96 -4.22 23.01
CA TYR A 336 -13.78 -3.75 22.31
C TYR A 336 -12.50 -4.40 22.82
N LYS A 337 -11.40 -4.18 22.10
CA LYS A 337 -10.12 -4.69 22.50
C LYS A 337 -9.09 -3.55 22.40
N PHE A 338 -8.22 -3.44 23.39
CA PHE A 338 -7.20 -2.40 23.45
C PHE A 338 -6.26 -2.63 22.27
N ALA A 339 -6.25 -1.72 21.30
CA ALA A 339 -5.41 -1.92 20.14
C ALA A 339 -4.07 -1.24 20.22
N ILE A 340 -3.48 -1.20 21.41
CA ILE A 340 -2.16 -0.60 21.56
C ILE A 340 -1.35 -1.66 22.28
N SER A 341 -0.28 -2.14 21.66
CA SER A 341 0.52 -3.16 22.31
C SER A 341 2.02 -2.86 22.22
N GLN A 342 2.82 -3.64 22.94
CA GLN A 342 4.25 -3.40 22.91
C GLN A 342 4.96 -4.20 21.85
N SER A 343 6.13 -3.71 21.45
CA SER A 343 6.92 -4.42 20.46
C SER A 343 8.40 -4.29 20.79
N SER A 344 9.20 -5.12 20.13
CA SER A 344 10.64 -5.10 20.33
C SER A 344 11.32 -4.76 19.03
N THR A 345 10.52 -4.42 18.02
CA THR A 345 11.07 -4.05 16.72
C THR A 345 10.76 -2.61 16.36
N GLY A 346 10.57 -1.77 17.37
CA GLY A 346 10.32 -0.37 17.13
C GLY A 346 8.86 0.06 17.20
N THR A 347 8.61 1.29 16.80
CA THR A 347 7.24 1.78 16.82
C THR A 347 6.58 1.46 15.51
N VAL A 348 5.34 0.99 15.57
CA VAL A 348 4.59 0.70 14.36
C VAL A 348 3.26 1.46 14.40
N MET A 349 3.13 2.44 13.54
CA MET A 349 1.89 3.20 13.47
C MET A 349 1.01 2.40 12.51
N GLY A 350 0.21 1.49 13.06
CA GLY A 350 -0.65 0.67 12.22
C GLY A 350 -1.98 1.31 11.89
N ALA A 351 -3.01 0.49 11.72
CA ALA A 351 -4.33 0.98 11.37
C ALA A 351 -4.92 1.90 12.44
N VAL A 352 -4.70 1.57 13.72
CA VAL A 352 -5.24 2.41 14.80
C VAL A 352 -4.82 3.87 14.61
N ILE A 353 -3.66 4.09 13.99
CA ILE A 353 -3.19 5.44 13.73
C ILE A 353 -3.76 5.90 12.39
N MET A 354 -3.55 5.09 11.37
CA MET A 354 -4.00 5.43 10.01
C MET A 354 -5.51 5.66 9.83
N GLU A 355 -6.33 4.90 10.53
CA GLU A 355 -7.79 5.06 10.45
C GLU A 355 -8.20 6.46 10.90
N GLY A 356 -7.25 7.22 11.43
CA GLY A 356 -7.63 8.56 11.83
C GLY A 356 -7.31 9.59 10.75
N PHE A 357 -6.48 9.22 9.78
CA PHE A 357 -6.03 10.18 8.77
C PHE A 357 -5.92 9.75 7.31
N TYR A 358 -5.80 10.73 6.44
CA TYR A 358 -5.61 10.44 5.03
C TYR A 358 -4.09 10.46 4.98
N VAL A 359 -3.47 9.37 4.50
CA VAL A 359 -2.02 9.29 4.47
C VAL A 359 -1.39 9.28 3.11
N VAL A 360 -0.65 10.34 2.82
CA VAL A 360 -0.01 10.46 1.55
C VAL A 360 1.42 9.97 1.60
N PHE A 361 1.73 8.99 0.77
CA PHE A 361 3.08 8.48 0.74
C PHE A 361 3.83 9.13 -0.41
N ASP A 362 4.28 10.35 -0.19
CA ASP A 362 4.97 11.10 -1.24
C ASP A 362 6.42 10.61 -1.46
N ARG A 363 6.56 9.54 -2.24
CA ARG A 363 7.86 8.94 -2.54
C ARG A 363 8.75 9.86 -3.37
N ALA A 364 8.13 10.57 -4.31
CA ALA A 364 8.85 11.50 -5.17
C ALA A 364 9.54 12.56 -4.32
N ARG A 365 8.91 12.99 -3.22
CA ARG A 365 9.52 14.01 -2.39
C ARG A 365 10.04 13.50 -1.06
N LYS A 366 10.21 12.20 -0.96
CA LYS A 366 10.71 11.59 0.26
C LYS A 366 10.02 12.16 1.53
N ARG A 367 8.70 12.08 1.55
CA ARG A 367 7.91 12.56 2.68
C ARG A 367 6.53 11.89 2.80
N ILE A 368 5.99 11.87 4.01
CA ILE A 368 4.67 11.29 4.28
C ILE A 368 3.73 12.36 4.83
N GLY A 369 2.61 12.63 4.14
CA GLY A 369 1.69 13.65 4.63
C GLY A 369 0.56 13.08 5.47
N PHE A 370 0.03 13.90 6.38
CA PHE A 370 -1.09 13.50 7.26
C PHE A 370 -2.16 14.60 7.24
N ALA A 371 -3.42 14.17 7.23
CA ALA A 371 -4.55 15.10 7.25
C ALA A 371 -5.74 14.37 7.91
N VAL A 372 -6.66 15.14 8.48
CA VAL A 372 -7.79 14.52 9.11
C VAL A 372 -8.58 13.80 8.02
N SER A 373 -8.90 12.53 8.25
CA SER A 373 -9.66 11.77 7.27
C SER A 373 -11.12 12.18 7.39
N ALA A 374 -11.78 12.33 6.24
CA ALA A 374 -13.20 12.69 6.21
C ALA A 374 -14.10 11.51 6.56
N CYS A 375 -13.52 10.35 6.85
CA CYS A 375 -14.29 9.15 7.19
C CYS A 375 -13.94 8.62 8.58
N HIS A 376 -12.98 9.22 9.26
CA HIS A 376 -12.59 8.70 10.55
C HIS A 376 -13.72 8.60 11.58
N VAL A 377 -13.71 7.54 12.37
CA VAL A 377 -14.74 7.34 13.38
C VAL A 377 -14.56 8.27 14.58
N HIS A 378 -15.66 8.82 15.08
CA HIS A 378 -15.63 9.71 16.24
C HIS A 378 -17.03 10.03 16.77
N ASP A 379 -17.11 10.81 17.83
CA ASP A 379 -18.41 11.18 18.41
C ASP A 379 -18.60 12.67 18.21
N GLU A 380 -19.76 13.18 18.60
CA GLU A 380 -20.04 14.61 18.42
C GLU A 380 -19.13 15.54 19.20
N PHE A 381 -18.62 15.10 20.33
CA PHE A 381 -17.77 15.93 21.19
C PHE A 381 -16.31 16.04 20.78
N ARG A 382 -15.73 14.97 20.23
CA ARG A 382 -14.34 15.02 19.83
C ARG A 382 -14.10 14.53 18.39
N THR A 383 -12.99 15.00 17.81
CA THR A 383 -12.58 14.66 16.46
C THR A 383 -11.06 14.48 16.36
N ALA A 384 -10.62 13.60 15.48
CA ALA A 384 -9.20 13.39 15.28
C ALA A 384 -8.65 14.72 14.76
N ALA A 385 -7.33 14.95 14.86
CA ALA A 385 -6.76 16.23 14.43
C ALA A 385 -5.34 16.14 13.93
N VAL A 386 -4.90 17.20 13.25
CA VAL A 386 -3.56 17.31 12.71
C VAL A 386 -3.32 18.80 12.77
N GLU A 387 -2.41 19.24 13.63
CA GLU A 387 -2.16 20.67 13.78
C GLU A 387 -0.66 20.95 13.68
N GLY A 388 -0.30 22.20 13.39
CA GLY A 388 1.10 22.58 13.30
C GLY A 388 1.16 24.08 13.08
N PRO A 389 2.34 24.72 13.22
CA PRO A 389 3.59 24.04 13.58
C PRO A 389 3.95 24.27 15.01
N PHE A 390 4.82 23.42 15.53
CA PHE A 390 5.29 23.57 16.89
C PHE A 390 6.80 23.73 16.85
N VAL A 391 7.32 24.70 17.60
CA VAL A 391 8.77 24.89 17.64
C VAL A 391 9.40 23.76 18.45
N THR A 392 10.18 22.91 17.79
CA THR A 392 10.83 21.80 18.49
C THR A 392 12.31 21.79 18.16
N LEU A 393 13.13 21.84 19.21
CA LEU A 393 14.58 21.85 19.04
C LEU A 393 15.14 20.45 19.28
N ASP A 394 16.31 20.17 18.70
CA ASP A 394 16.98 18.87 18.87
C ASP A 394 16.08 17.70 18.47
N MET A 395 15.60 17.72 17.23
CA MET A 395 14.73 16.67 16.74
C MET A 395 15.54 15.57 16.03
N GLU A 396 16.65 15.97 15.42
CA GLU A 396 17.54 15.06 14.72
C GLU A 396 18.02 13.96 15.67
N ASP A 397 18.23 14.34 16.92
CA ASP A 397 18.71 13.43 17.95
C ASP A 397 17.69 12.40 18.37
N CYS A 398 16.46 12.56 17.91
CA CYS A 398 15.39 11.65 18.27
C CYS A 398 15.51 10.32 17.54
N GLY A 399 16.26 10.32 16.45
CA GLY A 399 16.44 9.10 15.69
C GLY A 399 17.47 8.15 16.27
N TYR A 400 17.15 6.86 16.24
CA TYR A 400 18.03 5.82 16.75
C TYR A 400 19.05 5.44 15.67
N ASN A 401 20.25 5.03 16.08
CA ASN A 401 21.28 4.64 15.11
C ASN A 401 21.82 3.25 15.41
N SER B 14 -33.88 -3.23 -28.32
CA SER B 14 -33.17 -3.80 -27.14
C SER B 14 -32.90 -2.74 -26.07
N PHE B 15 -33.58 -1.60 -26.18
CA PHE B 15 -33.41 -0.51 -25.23
C PHE B 15 -34.73 0.19 -24.94
N VAL B 16 -35.82 -0.56 -25.00
CA VAL B 16 -37.16 -0.01 -24.76
C VAL B 16 -37.26 0.62 -23.39
N GLU B 17 -36.27 0.38 -22.54
CA GLU B 17 -36.27 0.94 -21.21
C GLU B 17 -35.87 2.41 -21.28
N MET B 18 -35.01 2.74 -22.24
CA MET B 18 -34.51 4.11 -22.41
C MET B 18 -35.27 4.89 -23.49
N VAL B 19 -36.05 4.16 -24.29
CA VAL B 19 -36.80 4.83 -25.33
C VAL B 19 -37.77 5.83 -24.73
N ASP B 20 -37.77 7.02 -25.29
CA ASP B 20 -38.63 8.10 -24.84
C ASP B 20 -38.29 8.61 -23.45
N ASN B 21 -36.99 8.64 -23.12
CA ASN B 21 -36.58 9.14 -21.82
C ASN B 21 -36.21 10.63 -21.83
N LEU B 22 -36.34 11.30 -22.96
CA LEU B 22 -36.04 12.74 -23.01
C LEU B 22 -37.31 13.57 -23.13
N ARG B 23 -37.31 14.76 -22.55
CA ARG B 23 -38.46 15.66 -22.64
C ARG B 23 -37.89 17.07 -22.76
N GLY B 24 -38.77 18.06 -22.87
CA GLY B 24 -38.30 19.43 -22.99
C GLY B 24 -39.33 20.39 -23.57
N LYS B 25 -39.01 21.68 -23.55
CA LYS B 25 -39.90 22.69 -24.10
C LYS B 25 -39.20 23.31 -25.30
N SER B 26 -39.95 23.57 -26.36
CA SER B 26 -39.38 24.14 -27.57
C SER B 26 -38.46 25.33 -27.28
N GLY B 27 -37.22 25.21 -27.73
CA GLY B 27 -36.27 26.29 -27.52
C GLY B 27 -35.65 26.30 -26.14
N GLN B 28 -35.91 25.26 -25.35
CA GLN B 28 -35.35 25.23 -24.00
C GLN B 28 -34.56 23.96 -23.73
N GLY B 29 -34.16 23.29 -24.81
CA GLY B 29 -33.38 22.07 -24.71
C GLY B 29 -34.12 20.83 -24.26
N TYR B 30 -33.42 19.69 -24.28
CA TYR B 30 -33.98 18.42 -23.86
C TYR B 30 -33.34 17.99 -22.54
N TYR B 31 -34.11 17.35 -21.67
CA TYR B 31 -33.57 16.90 -20.40
C TYR B 31 -33.97 15.48 -20.11
N VAL B 32 -33.19 14.84 -19.23
CA VAL B 32 -33.41 13.47 -18.81
C VAL B 32 -33.49 13.46 -17.28
N GLU B 33 -34.17 12.47 -16.71
CA GLU B 33 -34.32 12.38 -15.25
C GLU B 33 -33.07 11.74 -14.64
N MET B 34 -32.51 12.34 -13.60
CA MET B 34 -31.33 11.77 -12.96
C MET B 34 -31.47 11.84 -11.46
N THR B 35 -30.71 11.02 -10.74
CA THR B 35 -30.75 11.05 -9.29
C THR B 35 -29.36 11.27 -8.76
N VAL B 36 -29.23 11.95 -7.64
CA VAL B 36 -27.91 12.19 -7.08
C VAL B 36 -27.94 12.04 -5.57
N GLY B 37 -26.87 11.50 -5.00
CA GLY B 37 -26.82 11.34 -3.56
C GLY B 37 -27.59 10.14 -3.00
N SER B 38 -27.40 9.88 -1.72
CA SER B 38 -28.05 8.77 -1.03
C SER B 38 -28.70 9.32 0.23
N PRO B 39 -30.04 9.25 0.35
CA PRO B 39 -30.97 8.68 -0.63
C PRO B 39 -31.04 9.48 -1.92
N PRO B 40 -31.45 8.83 -3.02
CA PRO B 40 -31.56 9.44 -4.36
C PRO B 40 -32.40 10.72 -4.42
N GLN B 41 -31.81 11.78 -4.95
CA GLN B 41 -32.54 13.03 -5.10
C GLN B 41 -32.78 13.23 -6.59
N THR B 42 -34.04 13.13 -6.99
CA THR B 42 -34.41 13.28 -8.39
C THR B 42 -34.31 14.71 -8.92
N LEU B 43 -33.80 14.85 -10.13
CA LEU B 43 -33.65 16.16 -10.77
C LEU B 43 -33.71 16.02 -12.28
N ASN B 44 -34.09 17.09 -12.96
CA ASN B 44 -34.15 17.07 -14.41
C ASN B 44 -32.87 17.72 -14.93
N ILE B 45 -32.16 17.01 -15.79
CA ILE B 45 -30.90 17.51 -16.31
C ILE B 45 -30.90 17.62 -17.82
N LEU B 46 -30.54 18.80 -18.32
CA LEU B 46 -30.52 19.01 -19.76
C LEU B 46 -29.33 18.31 -20.40
N VAL B 47 -29.58 17.61 -21.50
CA VAL B 47 -28.53 16.89 -22.18
C VAL B 47 -27.79 17.83 -23.13
N ASP B 48 -26.51 18.06 -22.84
CA ASP B 48 -25.71 18.99 -23.64
C ASP B 48 -24.43 18.38 -24.16
N THR B 49 -24.40 18.10 -25.46
CA THR B 49 -23.19 17.55 -26.04
C THR B 49 -22.22 18.68 -26.38
N GLY B 50 -22.56 19.92 -26.02
CA GLY B 50 -21.68 21.04 -26.30
C GLY B 50 -20.77 21.44 -25.13
N SER B 51 -20.88 20.73 -24.00
CA SER B 51 -20.06 21.00 -22.80
C SER B 51 -19.65 19.68 -22.14
N SER B 52 -18.78 19.75 -21.14
CA SER B 52 -18.25 18.56 -20.45
C SER B 52 -18.42 18.57 -18.93
N ASN B 53 -19.10 19.58 -18.40
CA ASN B 53 -19.31 19.63 -16.96
C ASN B 53 -20.67 19.12 -16.52
N PHE B 54 -20.69 18.37 -15.43
CA PHE B 54 -21.96 17.89 -14.90
C PHE B 54 -22.24 18.86 -13.75
N ALA B 55 -23.26 19.72 -13.92
CA ALA B 55 -23.61 20.72 -12.93
C ALA B 55 -25.08 20.71 -12.59
N VAL B 56 -25.39 20.90 -11.31
CA VAL B 56 -26.78 20.93 -10.86
C VAL B 56 -26.96 22.06 -9.86
N GLY B 57 -28.16 22.62 -9.81
CA GLY B 57 -28.40 23.70 -8.87
C GLY B 57 -28.37 23.14 -7.46
N ALA B 58 -27.59 23.75 -6.58
CA ALA B 58 -27.49 23.26 -5.20
C ALA B 58 -27.78 24.37 -4.19
N ALA B 59 -28.75 25.20 -4.51
CA ALA B 59 -29.11 26.32 -3.63
C ALA B 59 -30.40 26.96 -4.10
N PRO B 60 -31.16 27.53 -3.16
CA PRO B 60 -32.44 28.21 -3.45
C PRO B 60 -32.32 29.22 -4.60
N HIS B 61 -33.19 29.09 -5.59
CA HIS B 61 -33.20 29.99 -6.75
C HIS B 61 -34.64 30.21 -7.23
N PRO B 62 -35.02 31.46 -7.51
CA PRO B 62 -36.35 31.86 -7.97
C PRO B 62 -36.93 30.95 -9.05
N PHE B 63 -36.09 30.59 -10.02
CA PHE B 63 -36.48 29.73 -11.13
C PHE B 63 -36.36 28.23 -10.84
N LEU B 64 -35.83 27.88 -9.66
CA LEU B 64 -35.69 26.47 -9.29
C LEU B 64 -36.73 26.03 -8.27
N HIS B 65 -37.49 24.99 -8.61
CA HIS B 65 -38.52 24.47 -7.72
C HIS B 65 -37.87 23.47 -6.77
N ARG B 66 -36.70 22.99 -7.15
CA ARG B 66 -35.96 22.05 -6.33
C ARG B 66 -34.48 22.16 -6.67
N TYR B 67 -33.64 21.56 -5.83
CA TYR B 67 -32.21 21.60 -6.08
C TYR B 67 -31.47 20.52 -5.30
N TYR B 68 -30.19 20.37 -5.61
CA TYR B 68 -29.33 19.39 -4.98
C TYR B 68 -29.02 19.82 -3.55
N GLN B 69 -29.48 19.02 -2.58
CA GLN B 69 -29.24 19.29 -1.17
C GLN B 69 -28.17 18.34 -0.69
N ARG B 70 -26.93 18.79 -0.75
CA ARG B 70 -25.78 18.00 -0.35
C ARG B 70 -25.85 17.50 1.10
N GLN B 71 -26.31 18.35 2.02
CA GLN B 71 -26.36 17.94 3.41
C GLN B 71 -27.25 16.73 3.67
N LEU B 72 -28.13 16.40 2.72
CA LEU B 72 -29.01 15.25 2.91
C LEU B 72 -28.46 13.98 2.27
N SER B 73 -27.27 14.06 1.70
CA SER B 73 -26.69 12.89 1.08
C SER B 73 -25.50 12.36 1.87
N SER B 74 -25.57 11.08 2.27
CA SER B 74 -24.48 10.46 3.05
C SER B 74 -23.31 10.02 2.19
N THR B 75 -23.49 10.06 0.87
CA THR B 75 -22.45 9.69 -0.07
C THR B 75 -21.79 10.91 -0.70
N TYR B 76 -22.25 12.09 -0.33
CA TYR B 76 -21.65 13.30 -0.88
C TYR B 76 -20.23 13.56 -0.33
N ARG B 77 -19.30 14.00 -1.17
CA ARG B 77 -17.93 14.36 -0.71
C ARG B 77 -17.51 15.70 -1.28
N ASP B 78 -16.95 16.56 -0.44
CA ASP B 78 -16.57 17.89 -0.90
C ASP B 78 -15.13 17.90 -1.42
N LEU B 79 -14.95 18.44 -2.62
CA LEU B 79 -13.63 18.50 -3.24
C LEU B 79 -12.90 19.75 -2.82
N ARG B 80 -13.65 20.66 -2.21
CA ARG B 80 -13.13 21.91 -1.69
C ARG B 80 -12.40 22.72 -2.75
N LYS B 81 -13.15 23.08 -3.79
CA LYS B 81 -12.61 23.86 -4.90
C LYS B 81 -13.73 24.47 -5.74
N GLY B 82 -13.60 25.75 -6.05
CA GLY B 82 -14.59 26.43 -6.84
C GLY B 82 -14.45 26.15 -8.32
N VAL B 83 -15.52 26.39 -9.06
CA VAL B 83 -15.53 26.20 -10.50
C VAL B 83 -16.45 27.19 -11.19
N TYR B 84 -15.96 27.73 -12.31
CA TYR B 84 -16.67 28.71 -13.13
C TYR B 84 -16.82 28.19 -14.56
N VAL B 85 -18.05 27.97 -15.01
CA VAL B 85 -18.25 27.48 -16.36
C VAL B 85 -19.16 28.39 -17.16
N PRO B 86 -18.57 29.18 -18.08
CA PRO B 86 -19.31 30.12 -18.94
C PRO B 86 -19.70 29.47 -20.28
N TYR B 87 -20.96 29.60 -20.67
CA TYR B 87 -21.44 29.04 -21.93
C TYR B 87 -21.64 30.15 -22.97
N THR B 88 -21.97 29.78 -24.21
CA THR B 88 -22.23 30.77 -25.27
C THR B 88 -23.33 31.72 -24.81
N GLN B 89 -24.30 31.18 -24.07
CA GLN B 89 -25.41 31.95 -23.54
C GLN B 89 -25.70 31.49 -22.10
N GLY B 90 -25.22 32.26 -21.12
CA GLY B 90 -25.44 31.89 -19.73
C GLY B 90 -24.13 31.45 -19.08
N LYS B 91 -24.08 31.53 -17.75
CA LYS B 91 -22.89 31.14 -16.99
C LYS B 91 -23.20 30.97 -15.51
N TRP B 92 -22.45 30.09 -14.86
CA TRP B 92 -22.65 29.84 -13.43
C TRP B 92 -21.35 29.54 -12.71
N GLU B 93 -21.45 29.38 -11.40
CA GLU B 93 -20.29 29.08 -10.59
C GLU B 93 -20.71 28.27 -9.36
N GLY B 94 -19.76 27.52 -8.81
CA GLY B 94 -20.06 26.70 -7.64
C GLY B 94 -18.91 25.90 -7.05
N GLU B 95 -19.24 24.94 -6.22
CA GLU B 95 -18.22 24.13 -5.57
C GLU B 95 -18.17 22.73 -6.14
N LEU B 96 -16.97 22.25 -6.40
CA LEU B 96 -16.80 20.91 -6.94
C LEU B 96 -17.01 19.82 -5.88
N GLY B 97 -17.36 18.62 -6.30
CA GLY B 97 -17.57 17.54 -5.35
C GLY B 97 -17.97 16.28 -6.08
N THR B 98 -18.24 15.21 -5.35
CA THR B 98 -18.64 13.96 -6.00
C THR B 98 -19.78 13.33 -5.24
N ASP B 99 -20.47 12.37 -5.84
CA ASP B 99 -21.56 11.70 -5.15
C ASP B 99 -22.03 10.60 -6.07
N LEU B 100 -22.91 9.73 -5.59
CA LEU B 100 -23.41 8.65 -6.44
C LEU B 100 -24.49 9.20 -7.37
N VAL B 101 -24.50 8.72 -8.60
CA VAL B 101 -25.44 9.19 -9.61
C VAL B 101 -26.08 8.03 -10.36
N SER B 102 -27.30 8.23 -10.81
CA SER B 102 -28.03 7.20 -11.54
C SER B 102 -28.97 7.80 -12.57
N ILE B 103 -29.35 6.98 -13.55
CA ILE B 103 -30.28 7.42 -14.57
C ILE B 103 -31.43 6.42 -14.55
N PRO B 104 -32.56 6.81 -13.94
CA PRO B 104 -33.77 5.98 -13.82
C PRO B 104 -34.16 5.26 -15.11
N HIS B 105 -34.44 6.03 -16.15
CA HIS B 105 -34.83 5.47 -17.43
C HIS B 105 -33.60 5.32 -18.32
N GLY B 106 -32.55 4.73 -17.75
CA GLY B 106 -31.31 4.52 -18.48
C GLY B 106 -30.69 3.20 -18.04
N PRO B 107 -29.37 3.02 -18.24
CA PRO B 107 -28.70 1.77 -17.84
C PRO B 107 -28.80 1.62 -16.33
N ASN B 108 -29.29 0.46 -15.91
CA ASN B 108 -29.46 0.18 -14.50
C ASN B 108 -28.10 0.03 -13.83
N VAL B 109 -27.55 1.14 -13.36
CA VAL B 109 -26.25 1.11 -12.70
C VAL B 109 -26.06 2.41 -11.93
N THR B 110 -25.20 2.39 -10.91
CA THR B 110 -24.94 3.58 -10.10
C THR B 110 -23.45 3.86 -10.15
N VAL B 111 -23.06 5.09 -10.49
CA VAL B 111 -21.64 5.41 -10.55
C VAL B 111 -21.28 6.67 -9.77
N ARG B 112 -20.01 6.81 -9.40
CA ARG B 112 -19.59 8.00 -8.68
C ARG B 112 -18.97 8.96 -9.66
N ALA B 113 -19.42 10.20 -9.64
CA ALA B 113 -18.92 11.17 -10.59
C ALA B 113 -18.73 12.52 -9.97
N ASN B 114 -18.01 13.37 -10.70
CA ASN B 114 -17.79 14.72 -10.24
C ASN B 114 -19.08 15.47 -10.49
N ILE B 115 -19.39 16.37 -9.57
CA ILE B 115 -20.56 17.20 -9.65
C ILE B 115 -20.24 18.61 -9.22
N ALA B 116 -20.63 19.58 -10.03
CA ALA B 116 -20.42 20.97 -9.70
C ALA B 116 -21.71 21.50 -9.11
N ALA B 117 -21.67 21.86 -7.82
CA ALA B 117 -22.83 22.38 -7.10
C ALA B 117 -22.98 23.84 -7.47
N ILE B 118 -24.06 24.14 -8.20
CA ILE B 118 -24.30 25.50 -8.65
C ILE B 118 -24.88 26.36 -7.54
N THR B 119 -24.09 27.34 -7.11
CA THR B 119 -24.52 28.22 -6.05
C THR B 119 -24.87 29.61 -6.56
N GLU B 120 -24.53 29.89 -7.81
CA GLU B 120 -24.81 31.18 -8.40
C GLU B 120 -24.74 31.06 -9.90
N SER B 121 -25.64 31.75 -10.59
CA SER B 121 -25.69 31.72 -12.04
C SER B 121 -26.27 33.01 -12.63
N ASP B 122 -25.99 33.23 -13.91
CA ASP B 122 -26.47 34.40 -14.60
C ASP B 122 -26.99 34.03 -15.97
N LYS B 123 -28.29 34.19 -16.17
CA LYS B 123 -28.92 33.89 -17.45
C LYS B 123 -28.60 32.46 -17.88
N PHE B 124 -28.58 31.55 -16.92
CA PHE B 124 -28.30 30.16 -17.18
C PHE B 124 -29.58 29.36 -16.96
N PHE B 125 -30.25 29.64 -15.86
CA PHE B 125 -31.50 28.96 -15.56
C PHE B 125 -32.68 29.68 -16.21
N ILE B 126 -33.31 29.02 -17.17
CA ILE B 126 -34.46 29.60 -17.85
C ILE B 126 -35.74 29.26 -17.07
N ASN B 127 -36.62 30.25 -16.92
CA ASN B 127 -37.85 30.02 -16.18
C ASN B 127 -38.81 29.10 -16.92
N GLY B 128 -39.22 28.02 -16.26
CA GLY B 128 -40.13 27.06 -16.86
C GLY B 128 -39.42 26.04 -17.72
N SER B 129 -38.09 26.07 -17.71
CA SER B 129 -37.29 25.14 -18.49
C SER B 129 -37.66 23.72 -18.09
N ASN B 130 -37.95 23.55 -16.80
CA ASN B 130 -38.33 22.27 -16.22
C ASN B 130 -37.10 21.46 -15.81
N TRP B 131 -35.92 21.99 -16.07
CA TRP B 131 -34.69 21.30 -15.70
C TRP B 131 -33.87 22.14 -14.73
N GLU B 132 -33.14 21.46 -13.85
CA GLU B 132 -32.32 22.13 -12.87
C GLU B 132 -30.83 21.82 -12.98
N GLY B 133 -30.40 21.24 -14.09
CA GLY B 133 -29.00 20.92 -14.23
C GLY B 133 -28.55 20.68 -15.66
N ILE B 134 -27.26 20.43 -15.83
CA ILE B 134 -26.71 20.20 -17.15
C ILE B 134 -25.70 19.05 -17.17
N LEU B 135 -25.83 18.17 -18.16
CA LEU B 135 -24.95 17.00 -18.31
C LEU B 135 -24.04 17.14 -19.51
N GLY B 136 -22.81 17.59 -19.27
CA GLY B 136 -21.87 17.76 -20.35
C GLY B 136 -21.35 16.44 -20.88
N LEU B 137 -21.77 16.07 -22.07
CA LEU B 137 -21.33 14.84 -22.68
C LEU B 137 -20.09 14.98 -23.56
N ALA B 138 -19.53 16.19 -23.69
CA ALA B 138 -18.33 16.36 -24.52
C ALA B 138 -17.07 15.87 -23.78
N TYR B 139 -15.90 16.08 -24.37
CA TYR B 139 -14.65 15.59 -23.76
C TYR B 139 -14.01 16.44 -22.66
N ALA B 140 -13.14 15.81 -21.88
CA ALA B 140 -12.48 16.49 -20.77
C ALA B 140 -11.69 17.74 -21.18
N GLU B 141 -11.12 17.72 -22.37
CA GLU B 141 -10.35 18.88 -22.82
C GLU B 141 -11.05 20.23 -22.62
N ILE B 142 -12.36 20.29 -22.82
CA ILE B 142 -13.08 21.55 -22.63
C ILE B 142 -13.84 21.59 -21.30
N ALA B 143 -13.38 20.84 -20.31
CA ALA B 143 -14.02 20.85 -19.00
C ALA B 143 -13.35 21.88 -18.13
N ARG B 144 -14.11 22.40 -17.18
CA ARG B 144 -13.63 23.40 -16.24
C ARG B 144 -13.59 22.78 -14.85
N PRO B 145 -12.66 23.22 -14.02
CA PRO B 145 -11.68 24.26 -14.33
C PRO B 145 -10.63 23.80 -15.33
N ASP B 146 -10.51 22.50 -15.53
CA ASP B 146 -9.53 22.00 -16.48
C ASP B 146 -9.74 20.52 -16.76
N ASP B 147 -9.00 20.00 -17.74
CA ASP B 147 -9.15 18.61 -18.13
C ASP B 147 -8.93 17.53 -17.08
N SER B 148 -8.69 17.94 -15.83
CA SER B 148 -8.49 16.99 -14.75
C SER B 148 -9.86 16.54 -14.20
N LEU B 149 -10.87 17.37 -14.35
CA LEU B 149 -12.18 17.00 -13.86
C LEU B 149 -12.79 16.04 -14.87
N GLU B 150 -12.72 14.76 -14.56
CA GLU B 150 -13.25 13.76 -15.47
C GLU B 150 -14.75 13.97 -15.69
N PRO B 151 -15.20 13.85 -16.96
CA PRO B 151 -16.61 14.00 -17.38
C PRO B 151 -17.46 12.80 -16.98
N PHE B 152 -18.75 13.04 -16.79
CA PHE B 152 -19.65 11.96 -16.38
C PHE B 152 -19.57 10.70 -17.22
N PHE B 153 -19.70 10.87 -18.53
CA PHE B 153 -19.72 9.69 -19.38
C PHE B 153 -18.42 8.90 -19.31
N ASP B 154 -17.31 9.61 -19.14
CA ASP B 154 -16.03 8.95 -19.01
C ASP B 154 -16.06 8.06 -17.78
N SER B 155 -16.52 8.60 -16.65
CA SER B 155 -16.59 7.82 -15.41
C SER B 155 -17.55 6.65 -15.52
N LEU B 156 -18.69 6.90 -16.11
CA LEU B 156 -19.71 5.86 -16.27
C LEU B 156 -19.15 4.65 -17.02
N VAL B 157 -18.42 4.91 -18.10
CA VAL B 157 -17.83 3.87 -18.94
C VAL B 157 -16.74 3.06 -18.21
N LYS B 158 -15.89 3.74 -17.44
CA LYS B 158 -14.82 3.03 -16.76
C LYS B 158 -15.32 2.21 -15.58
N GLN B 159 -16.35 2.70 -14.90
CA GLN B 159 -16.94 2.00 -13.76
C GLN B 159 -17.95 0.91 -14.12
N THR B 160 -18.56 0.98 -15.30
CA THR B 160 -19.52 -0.03 -15.69
C THR B 160 -19.04 -0.77 -16.93
N HIS B 161 -19.90 -1.60 -17.51
CA HIS B 161 -19.50 -2.31 -18.71
C HIS B 161 -20.10 -1.68 -19.96
N VAL B 162 -20.83 -0.58 -19.77
CA VAL B 162 -21.48 0.12 -20.87
C VAL B 162 -20.53 0.57 -21.97
N PRO B 163 -20.80 0.15 -23.23
CA PRO B 163 -19.95 0.52 -24.38
C PRO B 163 -19.77 2.03 -24.50
N ASN B 164 -18.55 2.46 -24.84
CA ASN B 164 -18.25 3.88 -24.94
C ASN B 164 -18.95 4.55 -26.13
N LEU B 165 -20.26 4.70 -25.98
CA LEU B 165 -21.02 5.31 -27.05
C LEU B 165 -22.45 5.60 -26.61
N PHE B 166 -23.03 6.67 -27.15
CA PHE B 166 -24.42 6.97 -26.83
C PHE B 166 -25.08 7.52 -28.08
N SER B 167 -26.40 7.40 -28.16
CA SER B 167 -27.12 7.92 -29.33
C SER B 167 -28.31 8.78 -28.92
N LEU B 168 -28.59 9.79 -29.74
CA LEU B 168 -29.67 10.71 -29.44
C LEU B 168 -30.74 10.78 -30.53
N GLN B 169 -32.00 10.77 -30.10
CA GLN B 169 -33.09 10.90 -31.05
C GLN B 169 -33.96 12.04 -30.54
N LEU B 170 -33.70 13.24 -31.05
CA LEU B 170 -34.48 14.40 -30.63
C LEU B 170 -35.67 14.55 -31.58
N CYS B 171 -36.87 14.60 -31.03
CA CYS B 171 -38.07 14.74 -31.85
C CYS B 171 -38.71 16.10 -31.59
N GLY B 172 -39.21 16.74 -32.64
CA GLY B 172 -39.84 18.03 -32.45
C GLY B 172 -41.33 17.94 -32.20
N ALA B 173 -41.96 19.09 -32.01
CA ALA B 173 -43.41 19.14 -31.77
C ALA B 173 -44.18 18.54 -32.95
N SER B 185 -45.27 18.70 -25.41
CA SER B 185 -44.39 19.69 -26.04
C SER B 185 -43.34 18.99 -26.90
N VAL B 186 -42.13 18.81 -26.36
CA VAL B 186 -41.06 18.15 -27.10
C VAL B 186 -40.66 16.83 -26.43
N GLY B 187 -40.05 15.93 -27.19
CA GLY B 187 -39.65 14.64 -26.64
C GLY B 187 -38.45 14.02 -27.34
N GLY B 188 -38.02 12.86 -26.88
CA GLY B 188 -36.89 12.20 -27.52
C GLY B 188 -36.33 11.14 -26.61
N SER B 189 -35.31 10.42 -27.07
CA SER B 189 -34.69 9.43 -26.22
C SER B 189 -33.18 9.37 -26.39
N MET B 190 -32.49 9.16 -25.27
CA MET B 190 -31.03 9.05 -25.26
C MET B 190 -30.67 7.60 -24.93
N ILE B 191 -30.03 6.88 -25.86
CA ILE B 191 -29.66 5.49 -25.63
C ILE B 191 -28.18 5.42 -25.23
N ILE B 192 -27.92 5.08 -23.97
CA ILE B 192 -26.57 5.01 -23.44
C ILE B 192 -25.97 3.64 -23.59
N GLY B 193 -24.90 3.53 -24.36
CA GLY B 193 -24.26 2.25 -24.53
C GLY B 193 -24.70 1.42 -25.72
N GLY B 194 -25.51 1.99 -26.60
CA GLY B 194 -25.96 1.22 -27.75
C GLY B 194 -26.75 1.95 -28.81
N ILE B 195 -27.13 1.21 -29.85
CA ILE B 195 -27.90 1.74 -30.96
C ILE B 195 -29.20 0.97 -31.04
N ASP B 196 -30.30 1.71 -30.98
CA ASP B 196 -31.64 1.14 -31.04
C ASP B 196 -32.20 1.24 -32.45
N HIS B 197 -32.11 0.16 -33.21
CA HIS B 197 -32.54 0.12 -34.59
C HIS B 197 -33.96 0.56 -34.89
N SER B 198 -34.77 0.72 -33.86
CA SER B 198 -36.14 1.13 -34.11
C SER B 198 -36.28 2.65 -34.08
N LEU B 199 -35.17 3.36 -33.98
CA LEU B 199 -35.21 4.81 -33.91
C LEU B 199 -34.83 5.46 -35.24
N TYR B 200 -34.50 4.66 -36.24
CA TYR B 200 -34.13 5.25 -37.51
C TYR B 200 -34.45 4.37 -38.71
N THR B 201 -34.26 4.91 -39.90
CA THR B 201 -34.52 4.15 -41.11
C THR B 201 -33.35 4.33 -42.06
N GLY B 202 -33.24 3.44 -43.04
CA GLY B 202 -32.14 3.54 -43.98
C GLY B 202 -30.82 3.18 -43.37
N SER B 203 -29.75 3.65 -43.98
CA SER B 203 -28.41 3.37 -43.50
C SER B 203 -27.84 4.47 -42.64
N LEU B 204 -26.89 4.09 -41.79
CA LEU B 204 -26.20 5.01 -40.92
C LEU B 204 -24.88 5.36 -41.58
N TRP B 205 -24.58 6.66 -41.67
CA TRP B 205 -23.33 7.11 -42.27
C TRP B 205 -22.55 7.85 -41.19
N TYR B 206 -21.27 7.51 -41.07
CA TYR B 206 -20.44 8.12 -40.04
C TYR B 206 -19.45 9.14 -40.59
N THR B 207 -19.31 10.25 -39.85
CA THR B 207 -18.36 11.29 -40.20
C THR B 207 -17.34 11.23 -39.05
N PRO B 208 -16.05 11.41 -39.36
CA PRO B 208 -15.01 11.36 -38.32
C PRO B 208 -15.05 12.54 -37.36
N ILE B 209 -14.74 12.29 -36.10
CA ILE B 209 -14.68 13.34 -35.11
C ILE B 209 -13.28 13.94 -35.28
N ARG B 210 -13.21 15.17 -35.79
CA ARG B 210 -11.93 15.82 -36.07
C ARG B 210 -10.98 15.85 -34.86
N ARG B 211 -11.45 16.40 -33.75
CA ARG B 211 -10.65 16.49 -32.54
C ARG B 211 -11.57 16.19 -31.36
N GLU B 212 -11.02 15.59 -30.31
CA GLU B 212 -11.82 15.25 -29.14
C GLU B 212 -11.84 16.31 -28.04
N TRP B 213 -12.78 17.25 -28.18
CA TRP B 213 -12.99 18.30 -27.20
C TRP B 213 -14.48 18.62 -27.33
N TYR B 214 -14.88 19.22 -28.43
CA TYR B 214 -16.29 19.44 -28.73
C TYR B 214 -16.44 18.25 -29.67
N TYR B 215 -17.66 17.94 -30.10
CA TYR B 215 -17.89 16.88 -31.07
C TYR B 215 -17.73 17.60 -32.42
N GLU B 216 -16.48 17.94 -32.75
CA GLU B 216 -16.15 18.67 -33.97
C GLU B 216 -16.18 17.81 -35.22
N VAL B 217 -16.85 18.31 -36.26
CA VAL B 217 -16.93 17.59 -37.53
C VAL B 217 -16.52 18.54 -38.65
N ILE B 218 -16.36 18.00 -39.86
CA ILE B 218 -15.96 18.80 -41.02
C ILE B 218 -17.02 18.84 -42.12
N ILE B 219 -17.51 20.03 -42.46
CA ILE B 219 -18.51 20.19 -43.52
C ILE B 219 -17.75 20.50 -44.81
N VAL B 220 -18.01 19.71 -45.85
CA VAL B 220 -17.31 19.90 -47.10
C VAL B 220 -18.11 20.56 -48.21
N ARG B 221 -19.43 20.64 -48.05
CA ARG B 221 -20.27 21.26 -49.07
C ARG B 221 -21.67 21.58 -48.56
N VAL B 222 -22.21 22.73 -48.95
CA VAL B 222 -23.54 23.11 -48.51
C VAL B 222 -24.45 23.35 -49.73
N GLU B 223 -25.69 22.87 -49.66
CA GLU B 223 -26.61 23.04 -50.78
C GLU B 223 -27.96 23.57 -50.36
N ILE B 224 -28.54 24.44 -51.16
CA ILE B 224 -29.86 24.96 -50.83
C ILE B 224 -30.77 24.50 -51.98
N ASN B 225 -31.64 23.53 -51.72
CA ASN B 225 -32.51 22.99 -52.76
C ASN B 225 -31.72 22.56 -53.98
N GLY B 226 -30.56 21.93 -53.74
CA GLY B 226 -29.73 21.45 -54.81
C GLY B 226 -28.68 22.44 -55.28
N GLN B 227 -28.91 23.72 -55.01
CA GLN B 227 -27.98 24.73 -55.45
C GLN B 227 -26.81 24.97 -54.48
N ASP B 228 -25.60 24.86 -55.02
CA ASP B 228 -24.37 25.04 -54.27
C ASP B 228 -24.25 26.48 -53.75
N LEU B 229 -23.48 26.63 -52.68
CA LEU B 229 -23.23 27.94 -52.10
C LEU B 229 -21.93 28.53 -52.66
N LYS B 230 -21.19 27.75 -53.44
CA LYS B 230 -19.96 28.25 -54.03
C LYS B 230 -18.99 28.92 -53.05
N MET B 231 -19.17 28.68 -51.75
CA MET B 231 -18.28 29.25 -50.75
C MET B 231 -17.15 28.29 -50.47
N ASP B 232 -15.97 28.82 -50.19
CA ASP B 232 -14.82 27.97 -49.87
C ASP B 232 -15.24 27.13 -48.68
N CYS B 233 -15.17 25.81 -48.80
CA CYS B 233 -15.59 24.92 -47.72
C CYS B 233 -14.97 25.25 -46.35
N LYS B 234 -13.88 26.00 -46.37
CA LYS B 234 -13.23 26.39 -45.12
C LYS B 234 -14.11 27.38 -44.38
N GLU B 235 -14.93 28.12 -45.13
CA GLU B 235 -15.85 29.11 -44.54
C GLU B 235 -16.95 28.43 -43.74
N TYR B 236 -17.24 27.18 -44.08
CA TYR B 236 -18.29 26.39 -43.41
C TYR B 236 -17.82 25.92 -42.04
N ASN B 237 -16.51 25.86 -41.85
CA ASN B 237 -15.93 25.39 -40.59
C ASN B 237 -15.07 26.44 -39.92
N TYR B 238 -15.52 27.68 -39.99
CA TYR B 238 -14.81 28.81 -39.40
C TYR B 238 -15.58 29.30 -38.18
N ASP B 239 -15.01 29.12 -36.98
CA ASP B 239 -13.69 28.50 -36.81
C ASP B 239 -13.74 27.02 -36.42
N LYS B 240 -14.92 26.42 -36.56
CA LYS B 240 -15.11 25.00 -36.28
C LYS B 240 -16.56 24.64 -36.47
N SER B 241 -16.82 23.35 -36.62
CA SER B 241 -18.18 22.88 -36.76
C SER B 241 -18.39 21.79 -35.71
N ILE B 242 -19.39 21.98 -34.86
CA ILE B 242 -19.67 21.01 -33.81
C ILE B 242 -21.16 20.66 -33.76
N VAL B 243 -21.48 19.49 -33.21
CA VAL B 243 -22.86 19.03 -33.08
C VAL B 243 -23.23 19.22 -31.61
N ASP B 244 -24.18 20.10 -31.38
CA ASP B 244 -24.59 20.40 -30.01
C ASP B 244 -26.07 20.29 -29.75
N SER B 245 -26.44 19.37 -28.87
CA SER B 245 -27.84 19.16 -28.50
C SER B 245 -28.31 20.28 -27.58
N GLY B 246 -27.37 21.01 -27.01
CA GLY B 246 -27.74 22.09 -26.12
C GLY B 246 -28.06 23.37 -26.87
N THR B 247 -27.97 23.34 -28.21
CA THR B 247 -28.29 24.50 -29.05
C THR B 247 -29.59 24.33 -29.84
N THR B 248 -30.44 25.33 -29.83
CA THR B 248 -31.74 25.25 -30.53
C THR B 248 -31.62 25.34 -32.04
N ASN B 249 -31.03 26.44 -32.51
CA ASN B 249 -30.91 26.71 -33.92
C ASN B 249 -29.76 26.09 -34.65
N LEU B 250 -29.60 26.49 -35.90
CA LEU B 250 -28.48 26.03 -36.70
C LEU B 250 -27.58 27.25 -36.82
N ARG B 251 -26.58 27.35 -35.98
CA ARG B 251 -25.69 28.50 -36.06
C ARG B 251 -24.73 28.32 -37.22
N LEU B 252 -24.53 29.41 -37.97
CA LEU B 252 -23.64 29.44 -39.12
C LEU B 252 -22.79 30.71 -39.09
N PRO B 253 -21.50 30.63 -39.47
CA PRO B 253 -20.66 31.83 -39.46
C PRO B 253 -21.29 32.94 -40.29
N LYS B 254 -21.04 34.19 -39.91
CA LYS B 254 -21.57 35.38 -40.59
C LYS B 254 -21.70 35.22 -42.10
N LYS B 255 -20.58 34.97 -42.78
CA LYS B 255 -20.57 34.78 -44.24
C LYS B 255 -21.57 33.72 -44.70
N VAL B 256 -21.36 32.49 -44.27
CA VAL B 256 -22.24 31.39 -44.61
C VAL B 256 -23.72 31.70 -44.31
N PHE B 257 -23.97 32.39 -43.20
CA PHE B 257 -25.34 32.73 -42.85
C PHE B 257 -25.96 33.71 -43.83
N GLU B 258 -25.18 34.71 -44.23
CA GLU B 258 -25.66 35.72 -45.16
C GLU B 258 -26.00 35.06 -46.49
N ALA B 259 -25.09 34.23 -47.00
CA ALA B 259 -25.28 33.52 -48.25
C ALA B 259 -26.48 32.57 -48.19
N ALA B 260 -26.57 31.81 -47.10
CA ALA B 260 -27.66 30.86 -46.94
C ALA B 260 -29.01 31.56 -46.90
N VAL B 261 -29.11 32.63 -46.12
CA VAL B 261 -30.34 33.38 -46.03
C VAL B 261 -30.79 33.95 -47.37
N LYS B 262 -29.82 34.44 -48.15
CA LYS B 262 -30.09 35.02 -49.46
C LYS B 262 -30.62 33.96 -50.40
N SER B 263 -30.08 32.76 -50.28
CA SER B 263 -30.51 31.64 -51.10
C SER B 263 -31.90 31.16 -50.68
N ILE B 264 -32.16 31.02 -49.38
CA ILE B 264 -33.48 30.55 -48.95
C ILE B 264 -34.58 31.55 -49.34
N LYS B 265 -34.21 32.84 -49.34
CA LYS B 265 -35.15 33.88 -49.71
C LYS B 265 -35.56 33.65 -51.15
N ALA B 266 -34.55 33.64 -52.02
CA ALA B 266 -34.80 33.44 -53.45
C ALA B 266 -35.69 32.24 -53.69
N ALA B 267 -35.32 31.09 -53.15
CA ALA B 267 -36.11 29.88 -53.36
C ALA B 267 -37.57 30.03 -52.95
N SER B 268 -37.83 30.87 -51.95
CA SER B 268 -39.19 31.08 -51.45
C SER B 268 -39.87 32.36 -51.96
N SER B 269 -39.36 32.93 -53.06
CA SER B 269 -39.93 34.14 -53.66
C SER B 269 -41.44 34.10 -53.81
N THR B 270 -42.00 32.90 -53.89
CA THR B 270 -43.45 32.72 -54.01
C THR B 270 -44.17 33.57 -52.96
N GLU B 271 -43.59 33.66 -51.77
CA GLU B 271 -44.17 34.46 -50.70
C GLU B 271 -43.08 35.30 -50.05
N LYS B 272 -43.43 36.54 -49.71
CA LYS B 272 -42.48 37.44 -49.07
C LYS B 272 -42.85 37.65 -47.61
N PHE B 273 -41.81 37.82 -46.79
CA PHE B 273 -42.00 38.02 -45.36
C PHE B 273 -41.11 39.17 -44.91
N PRO B 274 -41.47 39.83 -43.80
CA PRO B 274 -40.69 40.95 -43.27
C PRO B 274 -39.29 40.54 -42.81
N ASP B 275 -38.30 41.36 -43.14
CA ASP B 275 -36.93 41.06 -42.76
C ASP B 275 -36.79 40.63 -41.31
N GLY B 276 -37.72 41.07 -40.47
CA GLY B 276 -37.70 40.73 -39.06
C GLY B 276 -37.81 39.23 -38.85
N PHE B 277 -38.48 38.56 -39.79
CA PHE B 277 -38.63 37.12 -39.73
C PHE B 277 -37.28 36.44 -39.95
N TRP B 278 -36.57 36.85 -41.01
CA TRP B 278 -35.28 36.26 -41.34
C TRP B 278 -34.19 36.54 -40.30
N LEU B 279 -34.56 37.24 -39.24
CA LEU B 279 -33.64 37.57 -38.16
C LEU B 279 -33.99 36.79 -36.90
N GLY B 280 -35.20 36.29 -36.84
CA GLY B 280 -35.59 35.54 -35.67
C GLY B 280 -36.59 36.32 -34.84
N GLU B 281 -36.66 37.64 -35.07
CA GLU B 281 -37.58 38.51 -34.34
C GLU B 281 -39.05 38.21 -34.64
N GLN B 282 -39.48 38.60 -35.82
CA GLN B 282 -40.87 38.39 -36.22
C GLN B 282 -41.11 36.93 -36.54
N LEU B 283 -42.38 36.57 -36.73
CA LEU B 283 -42.72 35.21 -37.05
C LEU B 283 -43.92 35.09 -37.99
N VAL B 284 -43.80 34.21 -38.98
CA VAL B 284 -44.85 34.00 -39.98
C VAL B 284 -45.94 33.08 -39.47
N CYS B 285 -47.10 33.14 -40.11
CA CYS B 285 -48.27 32.34 -39.73
C CYS B 285 -49.11 31.94 -40.93
N TRP B 286 -49.88 30.87 -40.79
CA TRP B 286 -50.73 30.39 -41.88
C TRP B 286 -51.98 29.70 -41.32
N GLN B 287 -53.03 29.63 -42.13
CA GLN B 287 -54.25 28.98 -41.71
C GLN B 287 -53.95 27.58 -41.20
N ALA B 288 -54.53 27.26 -40.04
CA ALA B 288 -54.36 25.97 -39.39
C ALA B 288 -54.16 24.81 -40.35
N GLY B 289 -52.89 24.46 -40.61
CA GLY B 289 -52.58 23.35 -41.49
C GLY B 289 -52.41 23.66 -42.97
N THR B 290 -52.20 24.92 -43.31
CA THR B 290 -52.05 25.27 -44.71
C THR B 290 -50.66 25.81 -44.97
N THR B 291 -49.75 25.49 -44.06
CA THR B 291 -48.38 25.94 -44.19
C THR B 291 -47.79 25.46 -45.52
N PRO B 292 -47.35 26.41 -46.35
CA PRO B 292 -46.74 26.21 -47.67
C PRO B 292 -45.37 25.54 -47.62
N TRP B 293 -45.28 24.42 -46.92
CA TRP B 293 -43.99 23.73 -46.78
C TRP B 293 -43.22 23.59 -48.07
N ASN B 294 -43.93 23.20 -49.13
CA ASN B 294 -43.31 22.97 -50.43
C ASN B 294 -42.63 24.18 -51.05
N ILE B 295 -43.03 25.38 -50.65
CA ILE B 295 -42.41 26.57 -51.21
C ILE B 295 -41.05 26.81 -50.57
N PHE B 296 -40.81 26.16 -49.42
CA PHE B 296 -39.54 26.31 -48.71
C PHE B 296 -38.52 25.27 -49.15
N PRO B 297 -37.28 25.70 -49.40
CA PRO B 297 -36.19 24.84 -49.84
C PRO B 297 -35.74 23.84 -48.80
N VAL B 298 -34.95 22.91 -49.27
CA VAL B 298 -34.41 21.88 -48.42
C VAL B 298 -32.96 22.33 -48.23
N ILE B 299 -32.36 21.97 -47.09
CA ILE B 299 -30.96 22.33 -46.80
C ILE B 299 -30.17 21.05 -46.59
N SER B 300 -29.09 20.93 -47.35
CA SER B 300 -28.21 19.78 -47.34
C SER B 300 -26.79 20.13 -46.93
N LEU B 301 -26.26 19.38 -45.98
CA LEU B 301 -24.89 19.57 -45.50
C LEU B 301 -24.09 18.32 -45.85
N TYR B 302 -22.98 18.49 -46.55
CA TYR B 302 -22.14 17.37 -46.89
C TYR B 302 -21.05 17.25 -45.84
N LEU B 303 -20.94 16.07 -45.24
CA LEU B 303 -19.96 15.81 -44.18
C LEU B 303 -18.89 14.83 -44.67
N MET B 304 -17.69 14.96 -44.11
CA MET B 304 -16.58 14.08 -44.44
C MET B 304 -16.95 12.64 -44.09
N GLY B 305 -16.57 11.71 -44.94
CA GLY B 305 -16.90 10.31 -44.67
C GLY B 305 -15.75 9.55 -44.05
N GLU B 306 -15.89 8.24 -43.94
CA GLU B 306 -14.87 7.41 -43.34
C GLU B 306 -13.81 6.93 -44.32
N VAL B 307 -14.10 7.08 -45.61
CA VAL B 307 -13.17 6.66 -46.65
C VAL B 307 -12.54 7.91 -47.25
N THR B 308 -11.32 7.74 -47.77
CA THR B 308 -10.61 8.84 -48.38
C THR B 308 -11.38 9.37 -49.58
N ASN B 309 -11.34 10.69 -49.78
CA ASN B 309 -12.02 11.30 -50.93
C ASN B 309 -13.49 10.95 -51.04
N GLN B 310 -14.07 10.53 -49.91
CA GLN B 310 -15.49 10.15 -49.88
C GLN B 310 -16.28 10.96 -48.84
N SER B 311 -17.50 11.36 -49.21
CA SER B 311 -18.33 12.11 -48.28
C SER B 311 -19.76 11.64 -48.41
N PHE B 312 -20.63 12.20 -47.57
CA PHE B 312 -22.05 11.90 -47.60
C PHE B 312 -22.79 13.18 -47.22
N ARG B 313 -24.09 13.23 -47.45
CA ARG B 313 -24.84 14.43 -47.11
C ARG B 313 -26.13 14.13 -46.32
N ILE B 314 -26.50 15.08 -45.44
CA ILE B 314 -27.70 14.98 -44.63
C ILE B 314 -28.59 16.12 -45.11
N THR B 315 -29.89 15.87 -45.20
CA THR B 315 -30.81 16.89 -45.70
C THR B 315 -31.97 17.08 -44.75
N ILE B 316 -32.25 18.35 -44.40
CA ILE B 316 -33.36 18.67 -43.52
C ILE B 316 -34.39 19.48 -44.28
N LEU B 317 -35.59 19.48 -43.74
CA LEU B 317 -36.75 20.13 -44.32
C LEU B 317 -37.08 21.45 -43.65
N PRO B 318 -38.01 22.21 -44.22
CA PRO B 318 -38.32 23.46 -43.54
C PRO B 318 -39.06 23.12 -42.26
N GLN B 319 -39.56 21.89 -42.16
CA GLN B 319 -40.25 21.48 -40.94
C GLN B 319 -39.23 21.35 -39.82
N GLN B 320 -37.96 21.55 -40.14
CA GLN B 320 -36.89 21.47 -39.14
C GLN B 320 -36.38 22.86 -38.76
N TYR B 321 -36.12 23.69 -39.75
CA TYR B 321 -35.61 25.04 -39.48
C TYR B 321 -36.71 26.08 -39.28
N LEU B 322 -37.96 25.65 -39.21
CA LEU B 322 -39.06 26.57 -38.95
C LEU B 322 -39.62 26.02 -37.67
N ARG B 323 -39.25 26.67 -36.57
CA ARG B 323 -39.65 26.26 -35.25
C ARG B 323 -41.05 26.77 -34.95
N PRO B 324 -41.95 25.83 -34.67
CA PRO B 324 -43.36 26.13 -34.36
C PRO B 324 -43.53 26.79 -33.00
N VAL B 325 -43.81 28.09 -33.01
CA VAL B 325 -44.01 28.80 -31.76
C VAL B 325 -45.44 28.56 -31.29
N GLU B 326 -45.73 27.33 -30.92
CA GLU B 326 -47.05 26.93 -30.46
C GLU B 326 -47.60 27.91 -29.41
N ASP B 327 -48.85 28.34 -29.60
CA ASP B 327 -49.49 29.26 -28.68
C ASP B 327 -51.01 29.03 -28.71
N VAL B 328 -51.57 28.61 -27.58
CA VAL B 328 -53.01 28.35 -27.47
C VAL B 328 -53.88 29.59 -27.70
N ALA B 329 -53.38 30.74 -27.25
CA ALA B 329 -54.09 32.00 -27.41
C ALA B 329 -54.41 32.26 -28.88
N THR B 330 -53.62 31.68 -29.77
CA THR B 330 -53.82 31.84 -31.21
C THR B 330 -53.93 30.50 -31.93
N SER B 331 -54.71 29.59 -31.35
CA SER B 331 -54.91 28.26 -31.93
C SER B 331 -55.53 28.41 -33.32
N GLN B 332 -55.96 29.64 -33.62
CA GLN B 332 -56.56 29.96 -34.91
C GLN B 332 -55.65 29.56 -36.06
N ASP B 333 -54.39 29.97 -36.00
CA ASP B 333 -53.43 29.68 -37.06
C ASP B 333 -52.16 29.02 -36.54
N ASP B 334 -51.17 28.89 -37.42
CA ASP B 334 -49.88 28.29 -37.09
C ASP B 334 -48.74 29.25 -37.42
N CYS B 335 -48.05 29.71 -36.39
CA CYS B 335 -46.93 30.62 -36.60
C CYS B 335 -45.63 29.92 -36.31
N TYR B 336 -44.59 30.31 -37.02
CA TYR B 336 -43.30 29.67 -36.84
C TYR B 336 -42.22 30.71 -36.75
N LYS B 337 -41.06 30.30 -36.23
CA LYS B 337 -39.95 31.20 -36.14
C LYS B 337 -38.74 30.61 -36.91
N PHE B 338 -38.03 31.45 -37.65
CA PHE B 338 -36.88 31.02 -38.41
C PHE B 338 -35.85 30.58 -37.37
N ALA B 339 -35.30 29.37 -37.50
CA ALA B 339 -34.35 28.83 -36.53
C ALA B 339 -32.94 28.71 -37.07
N ILE B 340 -32.54 29.65 -37.90
CA ILE B 340 -31.22 29.62 -38.46
C ILE B 340 -30.61 31.00 -38.24
N SER B 341 -29.65 31.09 -37.33
CA SER B 341 -29.03 32.37 -37.05
C SER B 341 -27.53 32.32 -37.33
N GLN B 342 -26.82 33.40 -37.02
CA GLN B 342 -25.38 33.45 -37.26
C GLN B 342 -24.57 33.35 -35.97
N SER B 343 -23.26 33.17 -36.11
CA SER B 343 -22.39 33.11 -34.94
C SER B 343 -20.99 33.50 -35.35
N SER B 344 -20.13 33.72 -34.35
CA SER B 344 -18.73 34.08 -34.58
C SER B 344 -17.82 32.99 -34.02
N THR B 345 -18.44 31.94 -33.48
CA THR B 345 -17.70 30.83 -32.91
C THR B 345 -17.82 29.54 -33.74
N GLY B 346 -18.11 29.73 -35.02
CA GLY B 346 -18.22 28.59 -35.93
C GLY B 346 -19.61 28.04 -36.16
N THR B 347 -19.67 26.92 -36.86
CA THR B 347 -20.96 26.29 -37.14
C THR B 347 -21.48 25.46 -35.97
N VAL B 348 -22.76 25.60 -35.68
CA VAL B 348 -23.34 24.79 -34.63
C VAL B 348 -24.57 24.04 -35.14
N MET B 349 -24.44 22.73 -35.26
CA MET B 349 -25.57 21.93 -35.73
C MET B 349 -26.51 21.61 -34.54
N GLY B 350 -27.38 22.56 -34.22
CA GLY B 350 -28.30 22.38 -33.10
C GLY B 350 -29.44 21.39 -33.30
N ALA B 351 -30.48 21.56 -32.49
CA ALA B 351 -31.64 20.68 -32.57
C ALA B 351 -32.31 20.74 -33.94
N VAL B 352 -32.22 21.87 -34.61
CA VAL B 352 -32.85 21.96 -35.92
C VAL B 352 -32.25 20.91 -36.84
N ILE B 353 -30.99 20.57 -36.62
CA ILE B 353 -30.36 19.58 -37.47
C ILE B 353 -30.61 18.18 -36.94
N MET B 354 -30.44 18.07 -35.65
CA MET B 354 -30.58 16.80 -34.99
C MET B 354 -31.99 16.26 -35.02
N GLU B 355 -32.99 17.14 -35.02
CA GLU B 355 -34.36 16.68 -35.04
C GLU B 355 -34.70 15.97 -36.35
N GLY B 356 -33.76 15.93 -37.28
CA GLY B 356 -34.05 15.24 -38.52
C GLY B 356 -33.41 13.85 -38.52
N PHE B 357 -32.48 13.61 -37.61
CA PHE B 357 -31.84 12.33 -37.66
C PHE B 357 -31.56 11.64 -36.33
N TYR B 358 -31.16 10.39 -36.42
CA TYR B 358 -30.79 9.63 -35.23
C TYR B 358 -29.28 9.82 -35.25
N VAL B 359 -28.72 10.45 -34.21
CA VAL B 359 -27.28 10.72 -34.18
C VAL B 359 -26.56 9.82 -33.18
N VAL B 360 -25.57 9.10 -33.70
CA VAL B 360 -24.78 8.18 -32.90
C VAL B 360 -23.40 8.78 -32.64
N PHE B 361 -23.09 8.92 -31.36
CA PHE B 361 -21.79 9.46 -30.93
C PHE B 361 -20.94 8.28 -30.60
N ASP B 362 -20.23 7.78 -31.60
CA ASP B 362 -19.39 6.61 -31.42
C ASP B 362 -17.98 6.96 -30.93
N ARG B 363 -17.90 7.37 -29.67
CA ARG B 363 -16.63 7.74 -29.05
C ARG B 363 -15.58 6.65 -29.24
N ALA B 364 -15.98 5.41 -29.03
CA ALA B 364 -15.02 4.33 -29.18
C ALA B 364 -14.30 4.37 -30.51
N ARG B 365 -14.97 4.77 -31.58
CA ARG B 365 -14.31 4.77 -32.87
C ARG B 365 -14.10 6.17 -33.43
N LYS B 366 -14.20 7.16 -32.57
CA LYS B 366 -14.00 8.55 -32.97
C LYS B 366 -14.84 8.91 -34.19
N ARG B 367 -16.15 8.68 -34.12
CA ARG B 367 -17.01 9.02 -35.24
C ARG B 367 -18.44 9.32 -34.82
N ILE B 368 -19.16 10.03 -35.69
CA ILE B 368 -20.55 10.38 -35.43
C ILE B 368 -21.42 9.88 -36.58
N GLY B 369 -22.40 9.07 -36.23
CA GLY B 369 -23.28 8.51 -37.24
C GLY B 369 -24.58 9.28 -37.40
N PHE B 370 -25.05 9.31 -38.64
CA PHE B 370 -26.28 9.99 -38.95
C PHE B 370 -27.16 9.07 -39.77
N ALA B 371 -28.43 9.03 -39.38
CA ALA B 371 -29.41 8.24 -40.09
C ALA B 371 -30.75 8.98 -39.96
N VAL B 372 -31.64 8.73 -40.92
CA VAL B 372 -32.97 9.35 -40.96
C VAL B 372 -33.73 8.91 -39.71
N SER B 373 -34.23 9.89 -38.97
CA SER B 373 -34.96 9.60 -37.75
C SER B 373 -36.33 9.07 -38.08
N ALA B 374 -36.83 8.20 -37.22
CA ALA B 374 -38.15 7.62 -37.41
C ALA B 374 -39.22 8.51 -36.82
N CYS B 375 -38.84 9.66 -36.27
CA CYS B 375 -39.80 10.58 -35.67
C CYS B 375 -39.65 12.00 -36.22
N HIS B 376 -38.84 12.18 -37.26
CA HIS B 376 -38.68 13.53 -37.79
C HIS B 376 -39.95 14.03 -38.46
N VAL B 377 -40.25 15.32 -38.26
CA VAL B 377 -41.42 15.94 -38.83
C VAL B 377 -41.26 16.19 -40.32
N HIS B 378 -42.23 15.72 -41.09
CA HIS B 378 -42.19 15.91 -42.55
C HIS B 378 -43.58 15.70 -43.17
N ASP B 379 -43.71 16.00 -44.47
CA ASP B 379 -44.98 15.81 -45.17
C ASP B 379 -44.91 14.59 -46.06
N GLU B 380 -45.98 14.32 -46.81
CA GLU B 380 -45.99 13.13 -47.66
C GLU B 380 -45.08 13.25 -48.86
N PHE B 381 -44.76 14.47 -49.26
CA PHE B 381 -43.92 14.66 -50.43
C PHE B 381 -42.43 14.76 -50.19
N ARG B 382 -42.02 15.17 -49.00
CA ARG B 382 -40.59 15.27 -48.70
C ARG B 382 -40.25 14.67 -47.35
N THR B 383 -39.04 14.17 -47.23
CA THR B 383 -38.56 13.54 -46.00
C THR B 383 -37.10 13.87 -45.82
N ALA B 384 -36.66 14.02 -44.57
CA ALA B 384 -35.26 14.30 -44.36
C ALA B 384 -34.54 13.10 -44.95
N ALA B 385 -33.26 13.24 -45.27
CA ALA B 385 -32.52 12.13 -45.84
C ALA B 385 -31.03 12.12 -45.47
N VAL B 386 -30.42 10.96 -45.63
CA VAL B 386 -28.98 10.77 -45.39
C VAL B 386 -28.53 9.87 -46.55
N GLU B 387 -27.74 10.43 -47.46
CA GLU B 387 -27.30 9.69 -48.64
C GLU B 387 -25.81 9.78 -48.87
N GLY B 388 -25.29 8.84 -49.67
CA GLY B 388 -23.87 8.84 -49.97
C GLY B 388 -23.57 7.62 -50.80
N PRO B 389 -22.33 7.45 -51.28
CA PRO B 389 -21.24 8.39 -51.04
C PRO B 389 -21.04 9.34 -52.20
N PHE B 390 -20.25 10.39 -51.97
CA PHE B 390 -19.94 11.38 -52.99
C PHE B 390 -18.43 11.61 -53.03
N VAL B 391 -17.86 11.62 -54.23
CA VAL B 391 -16.43 11.84 -54.41
C VAL B 391 -16.06 13.28 -54.07
N THR B 392 -15.32 13.47 -52.97
CA THR B 392 -14.91 14.80 -52.56
C THR B 392 -13.40 14.82 -52.35
N LEU B 393 -12.69 15.50 -53.24
CA LEU B 393 -11.23 15.61 -53.15
C LEU B 393 -10.83 16.78 -52.29
N ASP B 394 -9.65 16.68 -51.67
CA ASP B 394 -9.12 17.73 -50.82
C ASP B 394 -10.12 18.15 -49.75
N MET B 395 -10.82 17.18 -49.17
CA MET B 395 -11.80 17.48 -48.13
C MET B 395 -11.10 17.86 -46.83
N GLU B 396 -9.82 17.51 -46.73
CA GLU B 396 -9.01 17.80 -45.55
C GLU B 396 -8.80 19.30 -45.35
N ASP B 397 -8.63 20.01 -46.47
CA ASP B 397 -8.41 21.44 -46.43
C ASP B 397 -9.59 22.24 -45.93
N CYS B 398 -10.75 21.60 -45.81
CA CYS B 398 -11.91 22.34 -45.33
C CYS B 398 -11.83 22.67 -43.86
N GLY B 399 -10.90 22.02 -43.16
CA GLY B 399 -10.74 22.26 -41.74
C GLY B 399 -10.01 23.56 -41.47
N TYR B 400 -10.43 24.28 -40.44
CA TYR B 400 -9.81 25.55 -40.08
C TYR B 400 -8.82 25.33 -38.95
N ASN B 401 -7.62 25.90 -39.09
CA ASN B 401 -6.59 25.74 -38.08
C ASN B 401 -6.22 27.10 -37.47
N GLY C 13 34.61 -39.80 30.53
CA GLY C 13 35.80 -39.34 31.33
C GLY C 13 36.90 -38.61 30.56
N SER C 14 37.57 -39.30 29.62
CA SER C 14 38.65 -38.71 28.81
C SER C 14 38.40 -38.92 27.31
N PHE C 15 38.34 -37.83 26.55
CA PHE C 15 38.08 -37.91 25.11
C PHE C 15 39.22 -37.26 24.36
N VAL C 16 40.35 -37.95 24.31
CA VAL C 16 41.55 -37.44 23.66
C VAL C 16 41.46 -37.08 22.19
N GLU C 17 40.70 -37.85 21.43
CA GLU C 17 40.56 -37.54 20.01
C GLU C 17 39.81 -36.21 19.74
N MET C 18 38.99 -35.75 20.68
CA MET C 18 38.23 -34.52 20.47
C MET C 18 38.75 -33.27 21.18
N VAL C 19 39.63 -33.48 22.15
CA VAL C 19 40.20 -32.35 22.89
C VAL C 19 41.01 -31.50 21.94
N ASP C 20 40.83 -30.20 22.07
CA ASP C 20 41.54 -29.24 21.25
C ASP C 20 41.25 -29.33 19.74
N ASN C 21 40.01 -29.68 19.39
CA ASN C 21 39.60 -29.79 17.99
C ASN C 21 39.03 -28.46 17.44
N LEU C 22 38.98 -27.41 18.25
CA LEU C 22 38.48 -26.12 17.76
C LEU C 22 39.59 -25.11 17.50
N ARG C 23 39.34 -24.21 16.56
CA ARG C 23 40.31 -23.18 16.23
C ARG C 23 39.55 -21.95 15.69
N GLY C 24 40.26 -20.84 15.56
CA GLY C 24 39.61 -19.64 15.05
C GLY C 24 40.35 -18.34 15.29
N LYS C 25 39.79 -17.26 14.78
CA LYS C 25 40.36 -15.92 14.94
C LYS C 25 39.57 -15.18 16.01
N SER C 26 40.23 -14.31 16.75
CA SER C 26 39.54 -13.57 17.79
C SER C 26 38.39 -12.74 17.22
N GLY C 27 37.20 -12.95 17.78
CA GLY C 27 36.04 -12.21 17.31
C GLY C 27 35.47 -12.72 15.99
N GLN C 28 35.70 -14.00 15.69
CA GLN C 28 35.19 -14.59 14.45
C GLN C 28 34.60 -15.98 14.68
N GLY C 29 34.34 -16.30 15.93
CA GLY C 29 33.76 -17.60 16.24
C GLY C 29 34.77 -18.74 16.24
N TYR C 30 34.28 -19.93 16.58
CA TYR C 30 35.10 -21.12 16.63
C TYR C 30 34.63 -22.11 15.56
N TYR C 31 35.57 -22.80 14.92
CA TYR C 31 35.22 -23.77 13.88
C TYR C 31 35.91 -25.13 14.05
N VAL C 32 35.21 -26.19 13.69
CA VAL C 32 35.74 -27.53 13.79
C VAL C 32 35.83 -28.12 12.40
N GLU C 33 36.88 -28.89 12.14
CA GLU C 33 37.03 -29.49 10.84
C GLU C 33 35.98 -30.58 10.60
N MET C 34 35.42 -30.61 9.39
CA MET C 34 34.43 -31.61 8.99
C MET C 34 34.68 -32.12 7.56
N THR C 35 34.13 -33.30 7.23
CA THR C 35 34.27 -33.85 5.89
C THR C 35 32.88 -34.20 5.36
N VAL C 36 32.63 -33.84 4.09
CA VAL C 36 31.33 -34.12 3.49
C VAL C 36 31.50 -34.58 2.06
N GLY C 37 30.72 -35.59 1.69
CA GLY C 37 30.75 -36.11 0.33
C GLY C 37 31.63 -37.34 0.14
N SER C 38 31.63 -37.87 -1.09
CA SER C 38 32.43 -39.04 -1.44
C SER C 38 33.05 -38.81 -2.81
N PRO C 39 34.40 -38.68 -2.88
CA PRO C 39 35.31 -38.73 -1.73
C PRO C 39 35.09 -37.57 -0.76
N PRO C 40 35.39 -37.79 0.53
CA PRO C 40 35.24 -36.79 1.58
C PRO C 40 35.97 -35.49 1.26
N GLN C 41 35.25 -34.37 1.40
CA GLN C 41 35.82 -33.06 1.14
C GLN C 41 35.98 -32.39 2.51
N THR C 42 37.16 -31.81 2.75
CA THR C 42 37.42 -31.16 4.04
C THR C 42 36.98 -29.70 4.08
N LEU C 43 36.41 -29.31 5.21
CA LEU C 43 35.92 -27.94 5.39
C LEU C 43 35.92 -27.57 6.88
N ASN C 44 36.18 -26.30 7.17
CA ASN C 44 36.15 -25.82 8.55
C ASN C 44 34.78 -25.19 8.82
N ILE C 45 33.98 -25.87 9.63
CA ILE C 45 32.64 -25.40 9.98
C ILE C 45 32.59 -24.70 11.34
N LEU C 46 31.88 -23.58 11.39
CA LEU C 46 31.76 -22.83 12.65
C LEU C 46 30.72 -23.45 13.57
N VAL C 47 31.05 -23.55 14.85
CA VAL C 47 30.10 -24.12 15.77
C VAL C 47 29.18 -23.01 16.30
N ASP C 48 27.92 -23.05 15.88
CA ASP C 48 26.94 -22.06 16.29
C ASP C 48 25.77 -22.70 17.04
N THR C 49 25.76 -22.54 18.37
CA THR C 49 24.71 -23.11 19.21
C THR C 49 23.44 -22.26 19.12
N GLY C 50 23.52 -21.19 18.34
CA GLY C 50 22.38 -20.32 18.15
C GLY C 50 21.42 -20.78 17.05
N SER C 51 21.94 -21.43 16.01
CA SER C 51 21.10 -21.90 14.91
C SER C 51 20.85 -23.39 14.94
N SER C 52 20.08 -23.89 13.97
CA SER C 52 19.78 -25.30 13.92
C SER C 52 19.81 -25.84 12.48
N ASN C 53 20.55 -25.14 11.63
CA ASN C 53 20.65 -25.54 10.23
C ASN C 53 22.09 -25.72 9.78
N PHE C 54 22.48 -26.97 9.55
CA PHE C 54 23.83 -27.28 9.08
C PHE C 54 23.94 -26.85 7.62
N ALA C 55 24.82 -25.89 7.35
CA ALA C 55 25.00 -25.40 5.99
C ALA C 55 26.44 -24.99 5.68
N VAL C 56 26.87 -25.28 4.46
CA VAL C 56 28.23 -24.96 4.03
C VAL C 56 28.22 -24.24 2.67
N GLY C 57 29.26 -23.48 2.39
CA GLY C 57 29.34 -22.78 1.11
C GLY C 57 29.61 -23.74 -0.03
N ALA C 58 28.65 -23.84 -0.94
CA ALA C 58 28.74 -24.73 -2.11
C ALA C 58 28.85 -23.94 -3.40
N ALA C 59 29.65 -22.89 -3.39
CA ALA C 59 29.83 -22.06 -4.58
C ALA C 59 30.90 -21.04 -4.30
N PRO C 60 31.61 -20.60 -5.33
CA PRO C 60 32.69 -19.60 -5.25
C PRO C 60 32.30 -18.35 -4.49
N HIS C 61 33.29 -17.70 -3.87
CA HIS C 61 33.09 -16.48 -3.08
C HIS C 61 34.45 -15.83 -2.82
N PRO C 62 34.54 -14.50 -2.98
CA PRO C 62 35.75 -13.70 -2.78
C PRO C 62 36.49 -13.97 -1.48
N PHE C 63 35.74 -14.34 -0.45
CA PHE C 63 36.33 -14.60 0.86
C PHE C 63 36.76 -16.05 1.05
N LEU C 64 35.96 -16.98 0.54
CA LEU C 64 36.25 -18.41 0.67
C LEU C 64 37.48 -18.84 -0.13
N HIS C 65 38.02 -20.00 0.20
CA HIS C 65 39.18 -20.53 -0.49
C HIS C 65 38.89 -21.93 -0.98
N ARG C 66 37.65 -22.36 -0.79
CA ARG C 66 37.22 -23.68 -1.22
C ARG C 66 35.73 -23.81 -0.93
N TYR C 67 35.08 -24.82 -1.51
CA TYR C 67 33.65 -24.99 -1.26
C TYR C 67 33.18 -26.40 -1.54
N TYR C 68 32.07 -26.78 -0.90
CA TYR C 68 31.51 -28.10 -1.06
C TYR C 68 30.87 -28.32 -2.42
N GLN C 69 31.51 -29.14 -3.25
CA GLN C 69 31.00 -29.45 -4.60
C GLN C 69 30.19 -30.76 -4.58
N ARG C 70 28.88 -30.64 -4.79
CA ARG C 70 27.96 -31.79 -4.78
C ARG C 70 28.17 -32.80 -5.90
N GLN C 71 28.64 -32.34 -7.06
CA GLN C 71 28.84 -33.24 -8.19
C GLN C 71 29.95 -34.23 -7.93
N LEU C 72 30.94 -33.84 -7.13
CA LEU C 72 32.05 -34.72 -6.85
C LEU C 72 31.70 -35.70 -5.74
N SER C 73 30.44 -35.70 -5.33
CA SER C 73 29.99 -36.59 -4.26
C SER C 73 28.97 -37.63 -4.75
N SER C 74 29.41 -38.88 -4.88
CA SER C 74 28.53 -39.94 -5.34
C SER C 74 27.46 -40.29 -4.31
N THR C 75 27.57 -39.71 -3.12
CA THR C 75 26.62 -39.96 -2.05
C THR C 75 25.61 -38.83 -1.87
N TYR C 76 25.76 -37.77 -2.67
CA TYR C 76 24.86 -36.63 -2.61
C TYR C 76 23.44 -37.00 -3.07
N ARG C 77 22.43 -36.55 -2.34
CA ARG C 77 21.04 -36.82 -2.70
C ARG C 77 20.18 -35.57 -2.54
N ASP C 78 20.16 -34.76 -3.60
CA ASP C 78 19.41 -33.50 -3.62
C ASP C 78 18.00 -33.68 -3.06
N LEU C 79 17.46 -32.60 -2.47
CA LEU C 79 16.12 -32.63 -1.92
C LEU C 79 15.21 -31.75 -2.77
N ARG C 80 15.79 -31.11 -3.78
CA ARG C 80 15.05 -30.25 -4.70
C ARG C 80 14.17 -29.24 -3.96
N LYS C 81 14.82 -28.31 -3.28
CA LYS C 81 14.13 -27.28 -2.52
C LYS C 81 15.13 -26.25 -2.00
N GLY C 82 14.70 -24.99 -1.94
CA GLY C 82 15.57 -23.94 -1.44
C GLY C 82 15.37 -23.73 0.04
N VAL C 83 16.21 -22.89 0.64
CA VAL C 83 16.13 -22.58 2.06
C VAL C 83 16.80 -21.25 2.37
N TYR C 84 16.04 -20.34 2.99
CA TYR C 84 16.52 -19.02 3.36
C TYR C 84 16.86 -19.00 4.85
N VAL C 85 18.00 -18.38 5.17
CA VAL C 85 18.41 -18.29 6.57
C VAL C 85 18.90 -16.91 6.98
N PRO C 86 18.06 -16.18 7.73
CA PRO C 86 18.35 -14.84 8.22
C PRO C 86 18.94 -14.90 9.65
N TYR C 87 20.22 -14.56 9.77
CA TYR C 87 20.89 -14.58 11.08
C TYR C 87 20.85 -13.17 11.66
N THR C 88 20.88 -13.07 12.99
CA THR C 88 20.88 -11.76 13.63
C THR C 88 21.86 -10.83 12.92
N GLN C 89 22.90 -11.42 12.33
CA GLN C 89 23.90 -10.66 11.60
C GLN C 89 24.37 -11.53 10.44
N GLY C 90 23.97 -11.12 9.24
CA GLY C 90 24.33 -11.85 8.04
C GLY C 90 23.24 -12.86 7.71
N LYS C 91 23.17 -13.23 6.44
CA LYS C 91 22.20 -14.21 5.96
C LYS C 91 22.65 -14.84 4.65
N TRP C 92 22.04 -15.98 4.31
CA TRP C 92 22.35 -16.68 3.06
C TRP C 92 21.14 -17.48 2.56
N GLU C 93 21.30 -18.07 1.37
CA GLU C 93 20.25 -18.86 0.75
C GLU C 93 20.92 -19.96 -0.08
N GLY C 94 20.33 -21.15 -0.10
CA GLY C 94 20.90 -22.24 -0.87
C GLY C 94 19.93 -23.39 -1.06
N GLU C 95 20.42 -24.49 -1.62
CA GLU C 95 19.57 -25.65 -1.88
C GLU C 95 19.81 -26.75 -0.86
N LEU C 96 18.73 -27.38 -0.41
CA LEU C 96 18.86 -28.46 0.56
C LEU C 96 19.53 -29.69 -0.04
N GLY C 97 19.18 -30.85 0.49
CA GLY C 97 19.76 -32.10 0.03
C GLY C 97 20.66 -32.71 1.09
N THR C 98 20.65 -34.03 1.19
CA THR C 98 21.45 -34.75 2.19
C THR C 98 22.79 -35.22 1.62
N ASP C 99 23.62 -35.78 2.48
CA ASP C 99 24.93 -36.27 2.08
C ASP C 99 25.62 -36.83 3.31
N LEU C 100 26.71 -37.56 3.10
CA LEU C 100 27.46 -38.15 4.19
C LEU C 100 28.40 -37.13 4.84
N VAL C 101 28.32 -36.99 6.15
CA VAL C 101 29.16 -36.03 6.85
C VAL C 101 29.92 -36.72 7.97
N SER C 102 31.10 -36.20 8.26
CA SER C 102 31.93 -36.76 9.31
C SER C 102 32.85 -35.71 9.96
N ILE C 103 33.30 -36.01 11.16
CA ILE C 103 34.20 -35.12 11.91
C ILE C 103 35.53 -35.81 12.26
N PRO C 104 36.58 -35.55 11.48
CA PRO C 104 37.91 -36.12 11.65
C PRO C 104 38.38 -36.21 13.10
N HIS C 105 38.23 -35.12 13.85
CA HIS C 105 38.65 -35.10 15.24
C HIS C 105 37.42 -35.21 16.14
N GLY C 106 36.37 -35.81 15.62
CA GLY C 106 35.17 -35.94 16.42
C GLY C 106 34.94 -37.40 16.69
N PRO C 107 33.69 -37.79 16.96
CA PRO C 107 33.38 -39.19 17.23
C PRO C 107 33.70 -40.04 16.00
N ASN C 108 34.31 -41.20 16.22
CA ASN C 108 34.68 -42.08 15.10
C ASN C 108 33.46 -42.73 14.48
N VAL C 109 32.74 -41.97 13.66
CA VAL C 109 31.54 -42.48 13.01
C VAL C 109 31.09 -41.51 11.93
N THR C 110 30.27 -41.98 11.01
CA THR C 110 29.78 -41.15 9.91
C THR C 110 28.25 -41.26 9.80
N VAL C 111 27.62 -40.17 9.42
CA VAL C 111 26.16 -40.16 9.30
C VAL C 111 25.75 -39.27 8.14
N ARG C 112 24.51 -39.46 7.69
CA ARG C 112 23.97 -38.67 6.59
C ARG C 112 22.98 -37.68 7.18
N ALA C 113 23.23 -36.39 6.93
CA ALA C 113 22.37 -35.35 7.45
C ALA C 113 22.06 -34.33 6.35
N ASN C 114 21.02 -33.54 6.59
CA ASN C 114 20.61 -32.52 5.64
C ASN C 114 21.65 -31.44 5.58
N ILE C 115 21.90 -30.93 4.38
CA ILE C 115 22.90 -29.89 4.19
C ILE C 115 22.35 -28.84 3.24
N ALA C 116 22.65 -27.59 3.51
CA ALA C 116 22.20 -26.47 2.68
C ALA C 116 23.36 -25.94 1.86
N ALA C 117 23.27 -26.11 0.55
CA ALA C 117 24.31 -25.64 -0.34
C ALA C 117 24.25 -24.13 -0.47
N ILE C 118 24.98 -23.44 0.40
CA ILE C 118 25.01 -21.99 0.38
C ILE C 118 25.56 -21.44 -0.94
N THR C 119 24.66 -20.94 -1.77
CA THR C 119 25.04 -20.40 -3.09
C THR C 119 25.04 -18.87 -3.09
N GLU C 120 24.32 -18.29 -2.14
CA GLU C 120 24.20 -16.84 -2.03
C GLU C 120 24.28 -16.45 -0.56
N SER C 121 25.32 -15.70 -0.20
CA SER C 121 25.50 -15.28 1.19
C SER C 121 25.44 -13.76 1.28
N ASP C 122 25.50 -13.25 2.50
CA ASP C 122 25.49 -11.82 2.74
C ASP C 122 25.82 -11.52 4.20
N LYS C 123 27.01 -10.96 4.42
CA LYS C 123 27.47 -10.61 5.76
C LYS C 123 27.54 -11.87 6.63
N PHE C 124 27.76 -13.02 5.98
CA PHE C 124 27.86 -14.30 6.66
C PHE C 124 29.29 -14.80 6.65
N PHE C 125 29.91 -14.80 5.48
CA PHE C 125 31.31 -15.23 5.36
C PHE C 125 32.24 -14.08 5.71
N ILE C 126 33.11 -14.30 6.69
CA ILE C 126 34.06 -13.29 7.12
C ILE C 126 35.36 -13.46 6.36
N ASN C 127 35.95 -12.35 5.90
CA ASN C 127 37.20 -12.43 5.16
C ASN C 127 38.33 -13.00 6.01
N GLY C 128 38.97 -14.05 5.51
CA GLY C 128 40.08 -14.66 6.24
C GLY C 128 39.67 -15.34 7.53
N SER C 129 38.38 -15.66 7.67
CA SER C 129 37.89 -16.31 8.88
C SER C 129 38.46 -17.71 9.02
N ASN C 130 38.87 -18.26 7.87
CA ASN C 130 39.46 -19.59 7.81
C ASN C 130 38.40 -20.68 7.81
N TRP C 131 37.14 -20.30 8.02
CA TRP C 131 36.06 -21.28 7.99
C TRP C 131 35.11 -20.97 6.85
N GLU C 132 34.36 -21.97 6.41
CA GLU C 132 33.42 -21.77 5.31
C GLU C 132 32.09 -22.46 5.51
N GLY C 133 31.62 -22.53 6.76
CA GLY C 133 30.35 -23.18 7.02
C GLY C 133 29.85 -23.00 8.45
N ILE C 134 28.65 -23.49 8.73
CA ILE C 134 28.10 -23.34 10.07
C ILE C 134 27.34 -24.58 10.53
N LEU C 135 27.50 -24.94 11.79
CA LEU C 135 26.81 -26.12 12.29
C LEU C 135 25.73 -25.77 13.33
N GLY C 136 24.47 -25.77 12.91
CA GLY C 136 23.39 -25.45 13.81
C GLY C 136 23.26 -26.52 14.87
N LEU C 137 23.54 -26.18 16.12
CA LEU C 137 23.44 -27.16 17.18
C LEU C 137 22.19 -27.00 18.03
N ALA C 138 21.40 -25.97 17.73
CA ALA C 138 20.19 -25.71 18.48
C ALA C 138 19.12 -26.76 18.17
N TYR C 139 17.90 -26.53 18.63
CA TYR C 139 16.85 -27.50 18.37
C TYR C 139 16.11 -27.24 17.06
N ALA C 140 15.40 -28.26 16.61
CA ALA C 140 14.63 -28.20 15.37
C ALA C 140 13.55 -27.13 15.36
N GLU C 141 13.00 -26.80 16.53
CA GLU C 141 11.94 -25.81 16.59
C GLU C 141 12.25 -24.50 15.85
N ILE C 142 13.53 -24.27 15.56
CA ILE C 142 13.92 -23.06 14.84
C ILE C 142 14.63 -23.45 13.57
N ALA C 143 14.64 -24.75 13.31
CA ALA C 143 15.27 -25.28 12.12
C ALA C 143 14.46 -24.85 10.90
N ARG C 144 15.14 -24.26 9.91
CA ARG C 144 14.49 -23.79 8.69
C ARG C 144 14.60 -24.82 7.56
N PRO C 145 13.64 -24.84 6.61
CA PRO C 145 12.47 -23.96 6.55
C PRO C 145 11.47 -24.20 7.68
N ASP C 146 11.54 -25.39 8.29
CA ASP C 146 10.65 -25.74 9.39
C ASP C 146 11.19 -26.92 10.19
N ASP C 147 10.60 -27.11 11.37
CA ASP C 147 10.99 -28.17 12.29
C ASP C 147 10.97 -29.57 11.71
N SER C 148 10.60 -29.70 10.44
CA SER C 148 10.57 -31.01 9.79
C SER C 148 11.97 -31.43 9.35
N LEU C 149 12.82 -30.44 9.09
CA LEU C 149 14.19 -30.67 8.66
C LEU C 149 15.06 -31.07 9.86
N GLU C 150 15.23 -32.38 10.06
CA GLU C 150 16.00 -32.92 11.17
C GLU C 150 17.43 -32.37 11.25
N PRO C 151 17.77 -31.69 12.36
CA PRO C 151 19.08 -31.07 12.62
C PRO C 151 20.24 -32.06 12.64
N PHE C 152 21.41 -31.58 12.22
CA PHE C 152 22.60 -32.40 12.14
C PHE C 152 22.78 -33.29 13.35
N PHE C 153 22.84 -32.67 14.51
CA PHE C 153 23.02 -33.40 15.75
C PHE C 153 21.90 -34.39 15.99
N ASP C 154 20.67 -34.00 15.64
CA ASP C 154 19.52 -34.88 15.80
C ASP C 154 19.73 -36.15 14.98
N SER C 155 20.15 -35.97 13.73
CA SER C 155 20.41 -37.08 12.83
C SER C 155 21.46 -38.00 13.45
N LEU C 156 22.61 -37.40 13.77
CA LEU C 156 23.75 -38.10 14.34
C LEU C 156 23.36 -38.97 15.52
N VAL C 157 22.37 -38.53 16.28
CA VAL C 157 21.94 -39.29 17.43
C VAL C 157 21.05 -40.47 17.09
N LYS C 158 20.27 -40.33 16.02
CA LYS C 158 19.35 -41.38 15.60
C LYS C 158 19.99 -42.42 14.68
N GLN C 159 21.23 -42.15 14.29
CA GLN C 159 21.98 -43.05 13.43
C GLN C 159 23.16 -43.73 14.13
N THR C 160 23.62 -43.15 15.24
CA THR C 160 24.75 -43.73 15.97
C THR C 160 24.37 -43.96 17.43
N HIS C 161 25.34 -44.42 18.21
CA HIS C 161 25.12 -44.67 19.63
C HIS C 161 25.63 -43.48 20.46
N VAL C 162 25.82 -42.33 19.80
CA VAL C 162 26.31 -41.13 20.47
C VAL C 162 25.23 -40.58 21.39
N PRO C 163 25.55 -40.44 22.70
CA PRO C 163 24.64 -39.93 23.73
C PRO C 163 24.07 -38.59 23.32
N ASN C 164 22.86 -38.29 23.77
CA ASN C 164 22.23 -37.03 23.41
C ASN C 164 22.74 -35.87 24.26
N LEU C 165 24.00 -35.51 24.01
CA LEU C 165 24.67 -34.44 24.74
C LEU C 165 26.01 -34.07 24.12
N PHE C 166 26.45 -32.84 24.37
CA PHE C 166 27.75 -32.36 23.87
C PHE C 166 28.19 -31.16 24.71
N SER C 167 29.51 -31.00 24.86
CA SER C 167 30.05 -29.92 25.67
C SER C 167 30.97 -29.03 24.87
N LEU C 168 31.30 -27.86 25.41
CA LEU C 168 32.19 -26.94 24.71
C LEU C 168 33.16 -26.23 25.66
N GLN C 169 34.39 -26.05 25.21
CA GLN C 169 35.37 -25.36 26.04
C GLN C 169 36.06 -24.40 25.10
N LEU C 170 35.73 -23.12 25.25
CA LEU C 170 36.29 -22.09 24.42
C LEU C 170 37.33 -21.32 25.21
N CYS C 171 38.54 -21.23 24.67
CA CYS C 171 39.62 -20.56 25.36
C CYS C 171 39.99 -19.31 24.56
N GLY C 172 40.20 -18.20 25.24
CA GLY C 172 40.56 -16.97 24.54
C GLY C 172 41.91 -17.09 23.87
N ALA C 173 42.79 -16.14 24.12
CA ALA C 173 44.13 -16.15 23.52
C ALA C 173 45.19 -16.69 24.49
N ALA C 184 46.43 -13.32 16.84
CA ALA C 184 45.03 -13.16 17.19
C ALA C 184 44.26 -14.49 17.11
N SER C 185 45.02 -15.59 17.16
CA SER C 185 44.44 -16.93 17.09
C SER C 185 43.71 -17.31 18.38
N VAL C 186 42.80 -18.28 18.28
CA VAL C 186 42.02 -18.70 19.45
C VAL C 186 41.91 -20.22 19.38
N GLY C 187 41.64 -20.87 20.52
CA GLY C 187 41.51 -22.33 20.51
C GLY C 187 40.41 -22.82 21.45
N GLY C 188 40.06 -24.10 21.36
CA GLY C 188 39.03 -24.65 22.23
C GLY C 188 38.73 -26.11 21.92
N SER C 189 37.76 -26.73 22.58
CA SER C 189 37.48 -28.12 22.23
C SER C 189 35.99 -28.47 22.34
N MET C 190 35.48 -29.28 21.41
CA MET C 190 34.07 -29.66 21.42
C MET C 190 33.98 -31.19 21.63
N ILE C 191 33.39 -31.60 22.75
CA ILE C 191 33.27 -33.02 23.07
C ILE C 191 31.89 -33.49 22.66
N ILE C 192 31.82 -34.33 21.63
CA ILE C 192 30.53 -34.82 21.15
C ILE C 192 30.16 -36.13 21.80
N GLY C 193 29.10 -36.12 22.59
CA GLY C 193 28.66 -37.34 23.24
C GLY C 193 29.23 -37.54 24.64
N GLY C 194 29.86 -36.52 25.20
CA GLY C 194 30.40 -36.70 26.52
C GLY C 194 30.99 -35.49 27.19
N ILE C 195 31.48 -35.69 28.40
CA ILE C 195 32.07 -34.62 29.17
C ILE C 195 33.51 -35.00 29.54
N ASP C 196 34.47 -34.18 29.14
CA ASP C 196 35.87 -34.46 29.44
C ASP C 196 36.24 -33.87 30.80
N HIS C 197 36.59 -34.72 31.75
CA HIS C 197 36.94 -34.30 33.11
C HIS C 197 38.18 -33.40 33.18
N SER C 198 38.91 -33.26 32.09
CA SER C 198 40.11 -32.43 32.17
C SER C 198 39.88 -30.99 31.73
N LEU C 199 38.71 -30.74 31.15
CA LEU C 199 38.41 -29.41 30.64
C LEU C 199 37.87 -28.47 31.69
N TYR C 200 37.71 -28.95 32.91
CA TYR C 200 37.22 -28.09 33.95
C TYR C 200 37.75 -28.46 35.32
N THR C 201 37.37 -27.65 36.30
CA THR C 201 37.75 -27.90 37.69
C THR C 201 36.52 -27.58 38.52
N GLY C 202 36.52 -28.03 39.77
CA GLY C 202 35.39 -27.76 40.63
C GLY C 202 34.14 -28.51 40.19
N SER C 203 33.01 -28.16 40.76
CA SER C 203 31.75 -28.82 40.44
C SER C 203 31.02 -28.24 39.24
N LEU C 204 30.14 -29.05 38.66
CA LEU C 204 29.33 -28.64 37.51
C LEU C 204 27.92 -28.30 38.00
N TRP C 205 27.41 -27.12 37.61
CA TRP C 205 26.06 -26.71 38.01
C TRP C 205 25.22 -26.62 36.76
N TYR C 206 24.05 -27.26 36.78
CA TYR C 206 23.17 -27.25 35.62
C TYR C 206 21.96 -26.33 35.74
N THR C 207 21.76 -25.50 34.73
CA THR C 207 20.61 -24.63 34.72
C THR C 207 19.62 -25.25 33.73
N PRO C 208 18.36 -25.41 34.14
CA PRO C 208 17.32 -26.00 33.29
C PRO C 208 17.06 -25.23 31.99
N ILE C 209 16.91 -25.94 30.89
CA ILE C 209 16.61 -25.32 29.60
C ILE C 209 15.12 -25.03 29.56
N ARG C 210 14.76 -23.78 29.31
CA ARG C 210 13.36 -23.37 29.29
C ARG C 210 12.62 -23.91 28.07
N ARG C 211 12.88 -23.33 26.90
CA ARG C 211 12.24 -23.75 25.65
C ARG C 211 13.27 -24.32 24.67
N GLU C 212 12.94 -25.44 24.03
CA GLU C 212 13.85 -26.08 23.07
C GLU C 212 13.73 -25.53 21.66
N TRP C 213 14.27 -24.34 21.45
CA TRP C 213 14.27 -23.71 20.14
C TRP C 213 15.65 -23.09 20.03
N TYR C 214 16.04 -22.47 21.13
CA TYR C 214 17.35 -21.85 21.28
C TYR C 214 17.76 -22.52 22.57
N TYR C 215 19.01 -22.35 22.99
CA TYR C 215 19.40 -22.94 24.26
C TYR C 215 19.15 -21.85 25.29
N GLU C 216 17.88 -21.46 25.38
CA GLU C 216 17.43 -20.41 26.27
C GLU C 216 17.52 -20.78 27.76
N VAL C 217 18.00 -19.82 28.55
CA VAL C 217 18.13 -20.00 29.98
C VAL C 217 17.49 -18.80 30.68
N ILE C 218 17.37 -18.89 32.00
CA ILE C 218 16.77 -17.84 32.81
C ILE C 218 17.71 -17.22 33.84
N ILE C 219 18.06 -15.96 33.61
CA ILE C 219 18.93 -15.19 34.51
C ILE C 219 18.04 -14.59 35.59
N VAL C 220 18.33 -14.87 36.86
CA VAL C 220 17.53 -14.34 37.97
C VAL C 220 18.19 -13.23 38.80
N ARG C 221 19.41 -12.85 38.47
CA ARG C 221 20.08 -11.80 39.23
C ARG C 221 21.41 -11.47 38.60
N VAL C 222 21.76 -10.19 38.57
CA VAL C 222 23.03 -9.77 37.99
C VAL C 222 23.82 -9.01 39.05
N GLU C 223 25.13 -9.21 39.10
CA GLU C 223 25.95 -8.51 40.07
C GLU C 223 27.17 -7.91 39.40
N ILE C 224 27.57 -6.73 39.86
CA ILE C 224 28.77 -6.08 39.36
C ILE C 224 29.70 -5.89 40.56
N ASN C 225 30.65 -6.79 40.76
CA ASN C 225 31.58 -6.71 41.90
C ASN C 225 30.76 -6.73 43.19
N GLY C 226 29.80 -7.65 43.24
CA GLY C 226 28.95 -7.81 44.41
C GLY C 226 27.72 -6.91 44.46
N GLN C 227 27.83 -5.73 43.85
CA GLN C 227 26.73 -4.79 43.89
C GLN C 227 25.58 -5.17 42.97
N ASP C 228 24.47 -5.55 43.58
CA ASP C 228 23.30 -5.94 42.83
C ASP C 228 22.81 -4.85 41.85
N LEU C 229 22.53 -5.27 40.61
CA LEU C 229 22.07 -4.35 39.58
C LEU C 229 20.73 -3.74 39.93
N LYS C 230 20.00 -4.41 40.83
CA LYS C 230 18.72 -3.92 41.30
C LYS C 230 17.74 -3.64 40.18
N MET C 231 17.46 -4.66 39.38
CA MET C 231 16.51 -4.52 38.29
C MET C 231 15.59 -5.73 38.36
N ASP C 232 14.44 -5.60 37.72
CA ASP C 232 13.48 -6.69 37.67
C ASP C 232 14.10 -7.75 36.74
N CYS C 233 14.40 -8.92 37.30
CA CYS C 233 15.03 -10.00 36.55
C CYS C 233 14.46 -10.19 35.14
N LYS C 234 13.18 -9.88 34.98
CA LYS C 234 12.51 -9.99 33.68
C LYS C 234 13.29 -9.21 32.64
N GLU C 235 13.79 -8.03 33.02
CA GLU C 235 14.56 -7.21 32.08
C GLU C 235 15.84 -7.93 31.64
N TYR C 236 16.33 -8.83 32.49
CA TYR C 236 17.55 -9.59 32.21
C TYR C 236 17.28 -10.65 31.13
N ASN C 237 16.01 -10.91 30.86
CA ASN C 237 15.62 -11.89 29.86
C ASN C 237 14.61 -11.30 28.87
N TYR C 238 14.93 -10.13 28.32
CA TYR C 238 14.02 -9.50 27.37
C TYR C 238 14.65 -9.39 26.00
N ASP C 239 14.07 -10.10 25.02
CA ASP C 239 12.88 -10.91 25.26
C ASP C 239 13.18 -12.36 25.63
N LYS C 240 14.46 -12.67 25.82
CA LYS C 240 14.91 -14.01 26.21
C LYS C 240 16.43 -14.06 26.44
N SER C 241 16.87 -15.14 27.05
CA SER C 241 18.29 -15.34 27.32
C SER C 241 18.78 -16.65 26.70
N ILE C 242 19.78 -16.57 25.84
CA ILE C 242 20.32 -17.77 25.22
C ILE C 242 21.84 -17.83 25.25
N VAL C 243 22.35 -19.06 25.16
CA VAL C 243 23.79 -19.30 25.15
C VAL C 243 24.19 -19.51 23.69
N ASP C 244 24.94 -18.58 23.11
CA ASP C 244 25.34 -18.72 21.71
C ASP C 244 26.84 -18.68 21.43
N SER C 245 27.39 -19.81 21.01
CA SER C 245 28.81 -19.88 20.70
C SER C 245 29.14 -19.07 19.45
N GLY C 246 28.08 -18.68 18.73
CA GLY C 246 28.25 -17.91 17.52
C GLY C 246 28.38 -16.43 17.78
N THR C 247 28.20 -16.01 19.03
CA THR C 247 28.33 -14.60 19.35
C THR C 247 29.67 -14.26 19.96
N THR C 248 30.22 -13.12 19.61
CA THR C 248 31.50 -12.75 20.16
C THR C 248 31.41 -12.07 21.53
N ASN C 249 30.64 -10.99 21.59
CA ASN C 249 30.46 -10.20 22.81
C ASN C 249 29.36 -10.71 23.74
N LEU C 250 29.12 -10.01 24.84
CA LEU C 250 28.07 -10.37 25.79
C LEU C 250 26.86 -9.48 25.42
N ARG C 251 25.75 -10.12 25.07
CA ARG C 251 24.55 -9.37 24.67
C ARG C 251 23.52 -9.23 25.76
N LEU C 252 23.15 -7.98 26.02
CA LEU C 252 22.17 -7.65 27.05
C LEU C 252 21.17 -6.61 26.55
N PRO C 253 19.88 -6.79 26.89
CA PRO C 253 18.93 -5.77 26.42
C PRO C 253 19.35 -4.34 26.79
N LYS C 254 18.97 -3.36 25.97
CA LYS C 254 19.30 -1.95 26.21
C LYS C 254 19.22 -1.50 27.68
N LYS C 255 18.09 -1.74 28.33
CA LYS C 255 17.88 -1.33 29.73
C LYS C 255 19.00 -1.90 30.62
N VAL C 256 19.13 -3.22 30.62
CA VAL C 256 20.15 -3.90 31.39
C VAL C 256 21.54 -3.40 31.00
N PHE C 257 21.79 -3.34 29.70
CA PHE C 257 23.10 -2.90 29.22
C PHE C 257 23.47 -1.53 29.81
N GLU C 258 22.50 -0.61 29.81
CA GLU C 258 22.68 0.75 30.32
C GLU C 258 23.12 0.72 31.79
N ALA C 259 22.33 0.03 32.61
CA ALA C 259 22.63 -0.09 34.03
C ALA C 259 24.04 -0.65 34.29
N ALA C 260 24.36 -1.75 33.61
CA ALA C 260 25.67 -2.40 33.73
C ALA C 260 26.83 -1.49 33.37
N VAL C 261 26.73 -0.79 32.24
CA VAL C 261 27.80 0.10 31.81
C VAL C 261 28.04 1.21 32.82
N LYS C 262 27.00 1.58 33.56
CA LYS C 262 27.13 2.64 34.54
C LYS C 262 27.98 2.11 35.70
N SER C 263 27.55 0.99 36.29
CA SER C 263 28.24 0.35 37.41
C SER C 263 29.68 0.00 37.06
N ILE C 264 29.92 -0.51 35.86
CA ILE C 264 31.28 -0.85 35.46
C ILE C 264 32.14 0.41 35.38
N LYS C 265 31.52 1.53 35.01
CA LYS C 265 32.22 2.79 34.89
C LYS C 265 32.66 3.28 36.26
N ALA C 266 31.72 3.26 37.20
CA ALA C 266 32.01 3.70 38.55
C ALA C 266 33.06 2.80 39.19
N ALA C 267 32.91 1.49 39.01
CA ALA C 267 33.84 0.54 39.59
C ALA C 267 35.27 0.78 39.12
N SER C 268 35.41 1.17 37.87
CA SER C 268 36.75 1.43 37.34
C SER C 268 37.07 2.91 37.28
N SER C 269 36.35 3.72 38.04
CA SER C 269 36.55 5.16 38.10
C SER C 269 38.02 5.61 38.21
N THR C 270 38.86 4.81 38.86
CA THR C 270 40.27 5.19 38.97
C THR C 270 40.91 5.52 37.62
N GLU C 271 40.28 5.10 36.54
CA GLU C 271 40.83 5.36 35.22
C GLU C 271 39.69 5.73 34.27
N LYS C 272 39.90 6.80 33.50
CA LYS C 272 38.88 7.25 32.57
C LYS C 272 39.21 6.98 31.11
N PHE C 273 38.25 6.42 30.40
CA PHE C 273 38.41 6.11 28.97
C PHE C 273 37.33 6.87 28.18
N PRO C 274 37.62 7.19 26.91
CA PRO C 274 36.68 7.91 26.04
C PRO C 274 35.35 7.19 25.89
N ASP C 275 34.32 7.93 25.50
CA ASP C 275 32.99 7.35 25.30
C ASP C 275 32.99 6.26 24.23
N GLY C 276 33.97 6.33 23.32
CA GLY C 276 34.07 5.36 22.25
C GLY C 276 34.26 3.95 22.79
N PHE C 277 35.20 3.81 23.72
CA PHE C 277 35.49 2.53 24.35
C PHE C 277 34.24 1.80 24.80
N TRP C 278 33.48 2.44 25.69
CA TRP C 278 32.26 1.83 26.22
C TRP C 278 31.22 1.54 25.13
N LEU C 279 31.46 2.09 23.95
CA LEU C 279 30.56 1.89 22.82
C LEU C 279 31.01 0.71 21.96
N GLY C 280 32.33 0.51 21.90
CA GLY C 280 32.87 -0.58 21.12
C GLY C 280 33.75 -0.06 19.99
N GLU C 281 33.67 1.25 19.77
CA GLU C 281 34.45 1.89 18.71
C GLU C 281 35.93 1.86 19.07
N GLN C 282 36.38 2.92 19.74
CA GLN C 282 37.77 3.03 20.13
C GLN C 282 38.18 1.88 21.04
N LEU C 283 39.49 1.67 21.17
CA LEU C 283 39.99 0.58 22.02
C LEU C 283 41.18 1.05 22.85
N VAL C 284 41.09 0.83 24.16
CA VAL C 284 42.14 1.25 25.09
C VAL C 284 43.38 0.38 25.04
N CYS C 285 44.53 1.03 25.23
CA CYS C 285 45.81 0.33 25.22
C CYS C 285 46.56 0.56 26.53
N TRP C 286 47.56 -0.28 26.80
CA TRP C 286 48.34 -0.14 28.02
C TRP C 286 49.78 -0.53 27.82
N GLN C 287 50.62 -0.12 28.76
CA GLN C 287 52.05 -0.41 28.73
C GLN C 287 52.25 -1.89 28.45
N ALA C 288 53.45 -2.25 28.03
CA ALA C 288 53.79 -3.64 27.74
C ALA C 288 53.46 -4.55 28.93
N GLY C 289 52.28 -5.15 28.90
CA GLY C 289 51.87 -6.05 29.98
C GLY C 289 51.70 -5.37 31.32
N THR C 290 50.73 -4.47 31.39
CA THR C 290 50.50 -3.75 32.64
C THR C 290 49.04 -3.42 32.72
N THR C 291 48.22 -4.16 32.00
CA THR C 291 46.79 -3.92 31.99
C THR C 291 46.23 -3.96 33.42
N PRO C 292 45.58 -2.87 33.86
CA PRO C 292 44.97 -2.69 35.17
C PRO C 292 43.80 -3.64 35.42
N TRP C 293 44.06 -4.94 35.31
CA TRP C 293 43.00 -5.94 35.50
C TRP C 293 42.18 -5.73 36.75
N ASN C 294 42.88 -5.53 37.86
CA ASN C 294 42.25 -5.35 39.17
C ASN C 294 41.30 -4.15 39.32
N ILE C 295 41.61 -3.03 38.64
CA ILE C 295 40.77 -1.84 38.74
C ILE C 295 39.40 -2.08 38.10
N PHE C 296 39.33 -3.08 37.22
CA PHE C 296 38.08 -3.44 36.53
C PHE C 296 37.30 -4.45 37.36
N PRO C 297 35.97 -4.31 37.36
CA PRO C 297 35.01 -5.14 38.09
C PRO C 297 34.83 -6.53 37.53
N VAL C 298 34.11 -7.33 38.31
CA VAL C 298 33.82 -8.69 37.95
C VAL C 298 32.31 -8.79 37.75
N ILE C 299 31.88 -9.60 36.80
CA ILE C 299 30.45 -9.73 36.53
C ILE C 299 29.91 -11.10 36.86
N SER C 300 28.84 -11.14 37.64
CA SER C 300 28.25 -12.41 38.01
C SER C 300 26.80 -12.48 37.51
N LEU C 301 26.37 -13.69 37.14
CA LEU C 301 25.02 -13.94 36.65
C LEU C 301 24.45 -15.13 37.41
N TYR C 302 23.30 -14.95 38.04
CA TYR C 302 22.69 -16.05 38.77
C TYR C 302 21.73 -16.74 37.83
N LEU C 303 21.91 -18.04 37.68
CA LEU C 303 21.06 -18.83 36.80
C LEU C 303 20.17 -19.72 37.62
N MET C 304 19.01 -20.07 37.05
CA MET C 304 18.03 -20.91 37.73
C MET C 304 18.60 -22.31 37.94
N GLY C 305 18.48 -22.83 39.15
CA GLY C 305 18.99 -24.14 39.47
C GLY C 305 18.03 -25.25 39.09
N GLU C 306 18.38 -26.48 39.45
CA GLU C 306 17.54 -27.65 39.16
C GLU C 306 16.57 -27.87 40.30
N VAL C 307 16.96 -27.43 41.49
CA VAL C 307 16.11 -27.58 42.66
C VAL C 307 15.25 -26.34 42.80
N THR C 308 14.02 -26.54 43.25
CA THR C 308 13.07 -25.45 43.42
C THR C 308 13.59 -24.41 44.40
N ASN C 309 13.44 -23.13 44.01
CA ASN C 309 13.86 -22.03 44.85
C ASN C 309 15.38 -22.01 44.99
N GLN C 310 16.07 -22.69 44.10
CA GLN C 310 17.53 -22.75 44.16
C GLN C 310 18.18 -22.19 42.90
N SER C 311 19.29 -21.47 43.06
CA SER C 311 20.03 -20.91 41.91
C SER C 311 21.54 -20.94 42.14
N PHE C 312 22.32 -20.79 41.07
CA PHE C 312 23.77 -20.78 41.20
C PHE C 312 24.32 -19.62 40.39
N ARG C 313 25.52 -19.16 40.70
CA ARG C 313 26.06 -18.04 39.93
C ARG C 313 27.36 -18.35 39.24
N ILE C 314 27.57 -17.70 38.11
CA ILE C 314 28.79 -17.85 37.36
C ILE C 314 29.39 -16.45 37.33
N THR C 315 30.70 -16.35 37.37
CA THR C 315 31.35 -15.05 37.40
C THR C 315 32.47 -14.96 36.39
N ILE C 316 32.61 -13.81 35.77
CA ILE C 316 33.67 -13.64 34.80
C ILE C 316 34.51 -12.45 35.19
N LEU C 317 35.70 -12.38 34.61
CA LEU C 317 36.65 -11.32 34.90
C LEU C 317 36.84 -10.42 33.69
N PRO C 318 37.44 -9.23 33.89
CA PRO C 318 37.65 -8.37 32.74
C PRO C 318 38.44 -9.08 31.64
N GLN C 319 39.14 -10.16 31.99
CA GLN C 319 39.90 -10.91 30.99
C GLN C 319 38.97 -11.61 30.01
N GLN C 320 37.70 -11.73 30.38
CA GLN C 320 36.71 -12.37 29.54
C GLN C 320 35.94 -11.34 28.71
N TYR C 321 35.73 -10.16 29.28
CA TYR C 321 34.98 -9.14 28.56
C TYR C 321 35.83 -8.01 27.99
N LEU C 322 37.15 -8.18 28.00
CA LEU C 322 38.00 -7.17 27.41
C LEU C 322 38.81 -7.82 26.30
N ARG C 323 38.10 -8.30 25.28
CA ARG C 323 38.72 -8.97 24.15
C ARG C 323 39.91 -8.21 23.58
N PRO C 324 41.10 -8.84 23.60
CA PRO C 324 42.33 -8.22 23.09
C PRO C 324 42.36 -8.05 21.57
N VAL C 325 43.12 -7.07 21.09
CA VAL C 325 43.23 -6.80 19.66
C VAL C 325 44.68 -6.52 19.27
N GLU C 326 45.26 -7.42 18.48
CA GLU C 326 46.65 -7.26 18.05
C GLU C 326 46.74 -6.24 16.92
N ASP C 327 47.19 -5.05 17.25
CA ASP C 327 47.32 -4.00 16.26
C ASP C 327 48.79 -3.85 15.84
N VAL C 328 49.04 -2.99 14.86
CA VAL C 328 50.40 -2.77 14.36
C VAL C 328 51.05 -1.51 14.92
N ALA C 329 50.36 -0.38 14.81
CA ALA C 329 50.85 0.91 15.31
C ALA C 329 50.96 0.87 16.83
N THR C 330 50.20 -0.03 17.44
CA THR C 330 50.19 -0.19 18.88
C THR C 330 50.55 -1.64 19.26
N SER C 331 51.49 -2.22 18.52
CA SER C 331 51.94 -3.59 18.77
C SER C 331 52.93 -3.64 19.94
N GLN C 332 53.56 -2.50 20.22
CA GLN C 332 54.53 -2.42 21.31
C GLN C 332 53.80 -2.29 22.64
N ASP C 333 52.47 -2.41 22.59
CA ASP C 333 51.62 -2.32 23.79
C ASP C 333 50.47 -3.32 23.72
N ASP C 334 49.61 -3.30 24.74
CA ASP C 334 48.48 -4.21 24.78
C ASP C 334 47.17 -3.44 24.70
N CYS C 335 46.41 -3.65 23.62
CA CYS C 335 45.14 -2.94 23.45
C CYS C 335 43.99 -3.93 23.49
N TYR C 336 42.84 -3.47 23.97
CA TYR C 336 41.65 -4.32 24.10
C TYR C 336 40.39 -3.61 23.62
N LYS C 337 39.30 -4.37 23.51
CA LYS C 337 38.02 -3.82 23.08
C LYS C 337 36.90 -4.29 23.99
N PHE C 338 36.03 -3.36 24.38
CA PHE C 338 34.92 -3.68 25.27
C PHE C 338 34.02 -4.70 24.57
N ALA C 339 33.93 -5.90 25.15
CA ALA C 339 33.12 -6.96 24.56
C ALA C 339 31.72 -7.11 25.14
N ILE C 340 31.15 -6.01 25.60
CA ILE C 340 29.79 -6.04 26.12
C ILE C 340 28.92 -5.04 25.34
N SER C 341 27.77 -5.50 24.84
CA SER C 341 26.90 -4.61 24.08
C SER C 341 25.43 -4.94 24.24
N GLN C 342 24.58 -4.01 23.82
CA GLN C 342 23.15 -4.19 23.96
C GLN C 342 22.55 -4.82 22.73
N SER C 343 21.28 -5.16 22.82
CA SER C 343 20.58 -5.79 21.72
C SER C 343 19.07 -5.80 21.94
N SER C 344 18.31 -6.02 20.87
CA SER C 344 16.86 -6.02 20.97
C SER C 344 16.35 -7.45 20.86
N THR C 345 17.26 -8.36 20.58
CA THR C 345 16.87 -9.75 20.42
C THR C 345 16.84 -10.43 21.77
N GLY C 346 17.40 -9.78 22.79
CA GLY C 346 17.42 -10.36 24.12
C GLY C 346 18.81 -10.58 24.67
N THR C 347 18.88 -11.38 25.73
CA THR C 347 20.16 -11.68 26.37
C THR C 347 20.89 -12.84 25.68
N VAL C 348 22.04 -12.53 25.11
CA VAL C 348 22.86 -13.55 24.47
C VAL C 348 24.24 -13.71 25.13
N MET C 349 24.48 -14.89 25.68
CA MET C 349 25.75 -15.19 26.31
C MET C 349 26.73 -15.73 25.29
N GLY C 350 27.54 -14.86 24.72
CA GLY C 350 28.50 -15.29 23.73
C GLY C 350 29.82 -15.78 24.31
N ALA C 351 30.90 -15.50 23.59
CA ALA C 351 32.24 -15.91 23.97
C ALA C 351 32.68 -15.36 25.33
N VAL C 352 32.63 -14.04 25.49
CA VAL C 352 33.04 -13.40 26.75
C VAL C 352 32.48 -14.17 27.95
N ILE C 353 31.38 -14.89 27.74
CA ILE C 353 30.78 -15.67 28.82
C ILE C 353 31.33 -17.10 28.79
N MET C 354 31.31 -17.70 27.61
CA MET C 354 31.77 -19.07 27.44
C MET C 354 33.28 -19.29 27.61
N GLU C 355 34.09 -18.29 27.28
CA GLU C 355 35.56 -18.38 27.37
C GLU C 355 36.04 -18.44 28.81
N GLY C 356 35.08 -18.55 29.72
CA GLY C 356 35.42 -18.63 31.13
C GLY C 356 34.91 -19.90 31.75
N PHE C 357 34.11 -20.67 31.03
CA PHE C 357 33.59 -21.89 31.63
C PHE C 357 33.60 -23.07 30.67
N TYR C 358 33.14 -24.20 31.20
CA TYR C 358 33.04 -25.41 30.41
C TYR C 358 31.53 -25.60 30.36
N VAL C 359 30.92 -25.41 29.19
CA VAL C 359 29.46 -25.56 29.07
C VAL C 359 29.04 -26.94 28.60
N VAL C 360 28.15 -27.57 29.34
CA VAL C 360 27.66 -28.89 29.00
C VAL C 360 26.20 -28.82 28.51
N PHE C 361 26.01 -28.96 27.21
CA PHE C 361 24.66 -28.93 26.63
C PHE C 361 24.00 -30.28 26.74
N ASP C 362 23.60 -30.66 27.95
CA ASP C 362 22.95 -31.95 28.20
C ASP C 362 21.52 -31.98 27.64
N ARG C 363 21.38 -32.04 26.31
CA ARG C 363 20.06 -32.10 25.67
C ARG C 363 19.19 -33.22 26.25
N ALA C 364 19.81 -34.35 26.55
CA ALA C 364 19.11 -35.49 27.10
C ALA C 364 18.43 -35.21 28.44
N ARG C 365 18.77 -34.10 29.08
CA ARG C 365 18.16 -33.77 30.37
C ARG C 365 17.73 -32.30 30.41
N LYS C 366 17.52 -31.74 29.22
CA LYS C 366 17.11 -30.36 29.06
C LYS C 366 17.75 -29.45 30.12
N ARG C 367 19.08 -29.36 30.07
CA ARG C 367 19.83 -28.56 31.03
C ARG C 367 21.21 -28.18 30.48
N ILE C 368 21.70 -27.01 30.88
CA ILE C 368 23.00 -26.51 30.44
C ILE C 368 23.92 -26.39 31.64
N GLY C 369 24.89 -27.29 31.73
CA GLY C 369 25.82 -27.28 32.85
C GLY C 369 26.96 -26.30 32.74
N PHE C 370 27.36 -25.72 33.87
CA PHE C 370 28.47 -24.78 33.90
C PHE C 370 29.53 -25.21 34.90
N ALA C 371 30.79 -24.92 34.57
CA ALA C 371 31.92 -25.22 35.44
C ALA C 371 33.12 -24.36 35.05
N VAL C 372 33.96 -24.05 36.03
CA VAL C 372 35.14 -23.22 35.76
C VAL C 372 36.00 -23.91 34.72
N SER C 373 36.30 -23.20 33.64
CA SER C 373 37.13 -23.73 32.57
C SER C 373 38.55 -23.87 33.08
N ALA C 374 39.21 -24.95 32.67
CA ALA C 374 40.58 -25.20 33.05
C ALA C 374 41.53 -24.39 32.17
N CYS C 375 41.01 -23.75 31.12
CA CYS C 375 41.84 -22.94 30.20
C CYS C 375 41.53 -21.43 30.24
N HIS C 376 40.51 -21.01 30.99
CA HIS C 376 40.16 -19.60 31.03
C HIS C 376 41.32 -18.67 31.47
N VAL C 377 41.34 -17.47 30.90
CA VAL C 377 42.37 -16.49 31.20
C VAL C 377 42.08 -15.76 32.50
N HIS C 378 43.07 -15.69 33.38
CA HIS C 378 42.89 -15.01 34.64
C HIS C 378 44.25 -14.66 35.22
N ASP C 379 44.27 -13.84 36.26
CA ASP C 379 45.54 -13.47 36.88
C ASP C 379 45.70 -14.22 38.19
N GLU C 380 46.80 -13.95 38.88
CA GLU C 380 47.10 -14.63 40.13
C GLU C 380 46.09 -14.41 41.25
N PHE C 381 45.44 -13.26 41.28
CA PHE C 381 44.50 -12.96 42.36
C PHE C 381 43.03 -13.28 42.13
N ARG C 382 42.59 -13.22 40.88
CA ARG C 382 41.19 -13.52 40.58
C ARG C 382 41.00 -14.62 39.54
N THR C 383 39.89 -15.34 39.68
CA THR C 383 39.58 -16.43 38.77
C THR C 383 38.07 -16.51 38.52
N ALA C 384 37.67 -17.07 37.38
CA ALA C 384 36.24 -17.21 37.09
C ALA C 384 35.72 -18.17 38.16
N ALA C 385 34.42 -18.17 38.39
CA ALA C 385 33.83 -19.00 39.43
C ALA C 385 32.45 -19.50 39.12
N VAL C 386 32.07 -20.59 39.76
CA VAL C 386 30.74 -21.14 39.62
C VAL C 386 30.43 -21.66 40.99
N GLU C 387 29.57 -20.96 41.71
CA GLU C 387 29.24 -21.32 43.09
C GLU C 387 27.74 -21.42 43.37
N GLY C 388 27.37 -22.23 44.34
CA GLY C 388 25.97 -22.38 44.68
C GLY C 388 25.80 -23.28 45.88
N PRO C 389 24.56 -23.46 46.35
CA PRO C 389 23.35 -22.85 45.80
C PRO C 389 22.98 -21.56 46.52
N PHE C 390 22.06 -20.82 45.93
CA PHE C 390 21.56 -19.57 46.49
C PHE C 390 20.03 -19.60 46.50
N VAL C 391 19.44 -19.43 47.68
CA VAL C 391 17.99 -19.42 47.82
C VAL C 391 17.37 -18.31 46.99
N THR C 392 16.47 -18.68 46.08
CA THR C 392 15.83 -17.69 45.24
C THR C 392 14.39 -18.09 44.96
N LEU C 393 13.46 -17.23 45.36
CA LEU C 393 12.05 -17.50 45.16
C LEU C 393 11.53 -16.65 44.01
N ASP C 394 10.40 -17.07 43.44
CA ASP C 394 9.76 -16.34 42.35
C ASP C 394 10.68 -16.16 41.13
N MET C 395 11.38 -17.23 40.75
CA MET C 395 12.27 -17.19 39.60
C MET C 395 11.51 -17.46 38.32
N GLU C 396 10.47 -18.29 38.43
CA GLU C 396 9.64 -18.66 37.29
C GLU C 396 9.08 -17.44 36.59
N ASP C 397 8.96 -16.34 37.33
CA ASP C 397 8.42 -15.10 36.79
C ASP C 397 9.45 -14.25 36.06
N CYS C 398 10.69 -14.72 36.02
CA CYS C 398 11.74 -13.96 35.35
C CYS C 398 11.72 -14.16 33.84
N GLY C 399 10.95 -15.13 33.37
CA GLY C 399 10.85 -15.39 31.93
C GLY C 399 9.81 -14.50 31.27
N TYR C 400 10.22 -13.80 30.21
CA TYR C 400 9.32 -12.91 29.47
C TYR C 400 8.59 -13.68 28.38
N ASN C 401 7.28 -13.47 28.27
CA ASN C 401 6.49 -14.17 27.27
C ASN C 401 5.90 -13.21 26.23
N GLU D 1 -4.09 -8.18 15.03
CA GLU D 1 -4.40 -9.47 14.41
C GLU D 1 -3.72 -9.62 13.09
N VAL D 2 -3.18 -8.53 12.52
CA VAL D 2 -2.19 -8.75 11.47
C VAL D 2 -0.95 -8.00 11.84
N ASN D 3 0.21 -8.51 11.46
CA ASN D 3 1.42 -7.75 11.73
C ASN D 3 2.32 -8.02 10.59
N ALA D 5 7.97 -6.70 6.91
CA ALA D 5 9.07 -7.59 6.52
C ALA D 5 10.25 -7.32 7.43
N GLU E 1 -32.86 29.30 -28.89
CA GLU E 1 -33.20 29.87 -27.58
C GLU E 1 -32.27 29.38 -26.50
N VAL E 2 -31.78 28.11 -26.62
CA VAL E 2 -30.67 27.72 -25.73
C VAL E 2 -29.38 27.64 -26.54
N ASN E 3 -28.27 28.14 -25.96
CA ASN E 3 -27.00 27.99 -26.65
C ASN E 3 -25.99 27.57 -25.61
N ALA E 5 -19.60 24.98 -24.25
CA ALA E 5 -18.65 25.53 -23.25
C ALA E 5 -17.55 26.23 -23.99
N GLU F 1 31.60 -9.06 16.63
CA GLU F 1 32.16 -9.39 15.29
C GLU F 1 31.51 -10.65 14.69
N VAL F 2 30.73 -11.41 15.49
CA VAL F 2 29.89 -12.41 14.86
C VAL F 2 28.64 -12.54 15.67
N ASN F 3 27.48 -12.63 15.00
CA ASN F 3 26.26 -12.77 15.77
C ASN F 3 25.37 -13.68 14.99
N ALA F 5 19.23 -17.20 15.15
CA ALA F 5 18.16 -17.10 14.13
C ALA F 5 17.43 -15.75 14.23
#